data_1W7W
#
_entry.id   1W7W
#
_cell.length_a   74.100
_cell.length_b   84.700
_cell.length_c   161.600
_cell.angle_alpha   90.00
_cell.angle_beta   90.00
_cell.angle_gamma   90.00
#
_symmetry.space_group_name_H-M   'P 21 21 21'
#
loop_
_entity.id
_entity.type
_entity.pdbx_description
1 polymer 'NUCLEOSIDE DIPHOSPHATE KINASE'
2 water water
#
_entity_poly.entity_id   1
_entity_poly.type   'polypeptide(L)'
_entity_poly.pdbx_seq_one_letter_code
;MSYYHHHHHHDYDYPTTENLYFQGAMDPEAELERTFIAIKPDGVQRGLISEIISRFERKGFKLVGIKVLIPTKQFAQQHY
HDLKERPFFNGLCDFLSSGPVIAMVWEGEGVITYGRKLIGATDPQKSAPGTIRGDLAVVVGRNIIHGSDGPETAKDEIKL
WFKPEELVSFTSNSEKWIYGDN
;
_entity_poly.pdbx_strand_id   A,B,C,D,E,F
#
# COMPACT_ATOMS: atom_id res chain seq x y z
N ALA A 30 -12.14 -30.05 3.60
CA ALA A 30 -12.52 -28.91 2.71
C ALA A 30 -11.54 -27.74 2.86
N GLU A 31 -11.24 -27.39 4.11
CA GLU A 31 -10.32 -26.29 4.44
C GLU A 31 -8.88 -26.76 4.31
N LEU A 32 -8.72 -27.97 3.78
CA LEU A 32 -7.40 -28.57 3.60
C LEU A 32 -7.00 -28.61 2.14
N GLU A 33 -7.88 -28.10 1.27
CA GLU A 33 -7.60 -28.09 -0.16
C GLU A 33 -6.30 -27.34 -0.39
N ARG A 34 -5.57 -27.73 -1.44
CA ARG A 34 -4.31 -27.08 -1.74
C ARG A 34 -4.17 -26.90 -3.22
N THR A 35 -3.54 -25.80 -3.62
CA THR A 35 -3.35 -25.53 -5.03
C THR A 35 -1.91 -25.15 -5.25
N PHE A 36 -1.48 -25.21 -6.51
CA PHE A 36 -0.11 -24.86 -6.86
C PHE A 36 -0.11 -23.52 -7.56
N ILE A 37 0.71 -22.60 -7.04
CA ILE A 37 0.82 -21.28 -7.64
C ILE A 37 2.29 -21.08 -7.94
N ALA A 38 2.59 -20.56 -9.12
CA ALA A 38 3.98 -20.34 -9.49
C ALA A 38 4.14 -18.99 -10.15
N ILE A 39 5.11 -18.23 -9.66
CA ILE A 39 5.36 -16.94 -10.28
C ILE A 39 6.39 -17.27 -11.34
N LYS A 40 5.98 -17.16 -12.60
CA LYS A 40 6.87 -17.46 -13.71
C LYS A 40 8.01 -16.47 -13.77
N PRO A 41 9.02 -16.75 -14.61
CA PRO A 41 10.18 -15.87 -14.75
C PRO A 41 9.87 -14.37 -14.95
N ASP A 42 8.90 -14.06 -15.80
CA ASP A 42 8.58 -12.65 -16.03
C ASP A 42 8.13 -12.00 -14.72
N GLY A 43 7.30 -12.71 -13.98
CA GLY A 43 6.83 -12.18 -12.71
C GLY A 43 8.00 -11.91 -11.78
N VAL A 44 8.89 -12.89 -11.65
CA VAL A 44 10.04 -12.73 -10.77
C VAL A 44 10.98 -11.64 -11.26
N GLN A 45 11.24 -11.62 -12.57
CA GLN A 45 12.12 -10.62 -13.13
C GLN A 45 11.54 -9.21 -13.07
N ARG A 46 10.26 -9.12 -12.74
CA ARG A 46 9.61 -7.82 -12.64
C ARG A 46 9.34 -7.45 -11.17
N GLY A 47 9.88 -8.27 -10.27
CA GLY A 47 9.74 -8.02 -8.85
C GLY A 47 8.34 -8.01 -8.30
N LEU A 48 7.54 -8.99 -8.72
CA LEU A 48 6.16 -9.10 -8.26
C LEU A 48 5.96 -10.14 -7.15
N ILE A 49 7.05 -10.65 -6.57
CA ILE A 49 6.93 -11.67 -5.54
C ILE A 49 6.09 -11.25 -4.35
N SER A 50 6.54 -10.21 -3.64
CA SER A 50 5.81 -9.73 -2.47
C SER A 50 4.36 -9.41 -2.84
N GLU A 51 4.18 -8.70 -3.95
CA GLU A 51 2.82 -8.34 -4.38
C GLU A 51 1.93 -9.56 -4.63
N ILE A 52 2.41 -10.52 -5.40
CA ILE A 52 1.60 -11.70 -5.68
C ILE A 52 1.32 -12.47 -4.39
N ILE A 53 2.35 -12.66 -3.56
CA ILE A 53 2.16 -13.38 -2.32
C ILE A 53 1.13 -12.72 -1.43
N SER A 54 1.12 -11.39 -1.39
CA SER A 54 0.17 -10.70 -0.52
C SER A 54 -1.29 -10.95 -0.88
N ARG A 55 -1.58 -11.15 -2.15
CA ARG A 55 -2.96 -11.37 -2.54
C ARG A 55 -3.49 -12.67 -1.95
N PHE A 56 -2.63 -13.67 -1.82
CA PHE A 56 -3.04 -14.94 -1.23
C PHE A 56 -2.96 -14.87 0.30
N GLU A 57 -1.90 -14.26 0.83
CA GLU A 57 -1.76 -14.17 2.28
C GLU A 57 -2.90 -13.38 2.93
N ARG A 58 -3.16 -12.17 2.43
CA ARG A 58 -4.20 -11.31 3.00
C ARG A 58 -5.61 -11.87 2.80
N LYS A 59 -5.75 -12.86 1.93
CA LYS A 59 -7.08 -13.43 1.69
C LYS A 59 -7.44 -14.34 2.87
N GLY A 60 -6.41 -14.96 3.44
CA GLY A 60 -6.63 -15.87 4.56
C GLY A 60 -6.08 -17.26 4.28
N PHE A 61 -5.63 -17.49 3.04
CA PHE A 61 -5.06 -18.77 2.68
C PHE A 61 -3.70 -18.92 3.36
N LYS A 62 -3.19 -20.13 3.47
CA LYS A 62 -1.90 -20.29 4.12
C LYS A 62 -0.84 -20.98 3.29
N LEU A 63 0.37 -20.42 3.38
CA LEU A 63 1.53 -20.91 2.65
C LEU A 63 2.07 -22.17 3.29
N VAL A 64 1.84 -23.31 2.65
CA VAL A 64 2.31 -24.57 3.19
C VAL A 64 3.52 -25.11 2.45
N GLY A 65 4.00 -24.35 1.46
CA GLY A 65 5.17 -24.78 0.71
C GLY A 65 5.65 -23.70 -0.26
N ILE A 66 6.95 -23.49 -0.32
CA ILE A 66 7.50 -22.47 -1.21
C ILE A 66 8.98 -22.75 -1.46
N LYS A 67 9.47 -22.32 -2.62
CA LYS A 67 10.88 -22.52 -2.98
C LYS A 67 11.19 -21.70 -4.24
N VAL A 68 12.47 -21.40 -4.45
CA VAL A 68 12.87 -20.69 -5.66
C VAL A 68 13.70 -21.69 -6.45
N LEU A 69 13.69 -21.60 -7.77
CA LEU A 69 14.46 -22.53 -8.57
C LEU A 69 14.37 -22.16 -10.05
N ILE A 70 15.24 -22.75 -10.85
CA ILE A 70 15.25 -22.50 -12.29
C ILE A 70 14.93 -23.82 -12.98
N PRO A 71 13.68 -24.00 -13.42
CA PRO A 71 13.28 -25.21 -14.10
C PRO A 71 14.21 -25.56 -15.28
N THR A 72 14.46 -26.84 -15.48
CA THR A 72 15.28 -27.28 -16.62
C THR A 72 14.27 -27.42 -17.76
N LYS A 73 14.69 -27.23 -19.01
CA LYS A 73 13.72 -27.36 -20.09
C LYS A 73 13.00 -28.70 -19.96
N GLN A 74 13.71 -29.70 -19.45
CA GLN A 74 13.15 -31.02 -19.25
C GLN A 74 11.95 -30.91 -18.32
N PHE A 75 12.24 -30.52 -17.08
CA PHE A 75 11.21 -30.35 -16.07
C PHE A 75 10.02 -29.56 -16.61
N ALA A 76 10.31 -28.48 -17.32
CA ALA A 76 9.26 -27.64 -17.89
C ALA A 76 8.31 -28.44 -18.76
N GLN A 77 8.86 -29.33 -19.57
CA GLN A 77 8.08 -30.16 -20.46
C GLN A 77 7.24 -31.13 -19.65
N GLN A 78 7.76 -31.55 -18.51
CA GLN A 78 7.01 -32.45 -17.66
C GLN A 78 5.79 -31.70 -17.10
N HIS A 79 6.00 -30.46 -16.66
CA HIS A 79 4.90 -29.65 -16.13
C HIS A 79 3.85 -29.36 -17.19
N TYR A 80 4.30 -29.16 -18.43
CA TYR A 80 3.40 -28.87 -19.55
C TYR A 80 3.08 -30.10 -20.40
N HIS A 81 3.37 -31.29 -19.87
CA HIS A 81 3.13 -32.55 -20.59
C HIS A 81 1.82 -32.57 -21.35
N ASP A 82 0.83 -31.84 -20.84
CA ASP A 82 -0.49 -31.79 -21.46
C ASP A 82 -0.49 -31.10 -22.82
N LEU A 83 0.47 -30.19 -23.02
CA LEU A 83 0.55 -29.43 -24.25
C LEU A 83 1.71 -29.85 -25.16
N LYS A 84 2.26 -31.04 -24.91
CA LYS A 84 3.41 -31.52 -25.68
C LYS A 84 3.29 -31.47 -27.20
N GLU A 85 2.09 -31.58 -27.74
CA GLU A 85 1.95 -31.54 -29.19
C GLU A 85 1.18 -30.31 -29.69
N ARG A 86 1.57 -29.15 -29.17
CA ARG A 86 0.95 -27.88 -29.56
C ARG A 86 2.07 -26.99 -30.05
N PRO A 87 1.76 -26.07 -30.97
CA PRO A 87 2.77 -25.17 -31.51
C PRO A 87 3.62 -24.46 -30.44
N PHE A 88 2.95 -23.81 -29.50
CA PHE A 88 3.61 -23.07 -28.43
C PHE A 88 4.31 -23.88 -27.33
N PHE A 89 4.10 -25.20 -27.31
CA PHE A 89 4.73 -26.04 -26.29
C PHE A 89 6.20 -25.71 -26.07
N ASN A 90 6.99 -25.72 -27.14
CA ASN A 90 8.41 -25.46 -27.00
C ASN A 90 8.71 -24.06 -26.43
N GLY A 91 7.93 -23.07 -26.84
CA GLY A 91 8.12 -21.73 -26.33
C GLY A 91 7.91 -21.68 -24.83
N LEU A 92 6.80 -22.27 -24.38
CA LEU A 92 6.44 -22.34 -22.97
C LEU A 92 7.57 -22.95 -22.14
N CYS A 93 8.14 -24.04 -22.64
CA CYS A 93 9.21 -24.75 -21.96
C CYS A 93 10.50 -23.95 -21.93
N ASP A 94 10.80 -23.29 -23.05
CA ASP A 94 12.00 -22.49 -23.09
C ASP A 94 11.84 -21.30 -22.16
N PHE A 95 10.63 -20.75 -22.11
CA PHE A 95 10.37 -19.60 -21.25
C PHE A 95 10.34 -19.92 -19.77
N LEU A 96 9.63 -20.99 -19.40
CA LEU A 96 9.52 -21.38 -18.00
C LEU A 96 10.88 -21.76 -17.41
N SER A 97 11.88 -21.91 -18.27
CA SER A 97 13.22 -22.26 -17.85
C SER A 97 14.22 -21.17 -18.20
N SER A 98 13.72 -19.99 -18.57
CA SER A 98 14.60 -18.87 -18.94
C SER A 98 14.97 -18.01 -17.74
N GLY A 99 14.62 -18.45 -16.54
CA GLY A 99 14.93 -17.67 -15.36
C GLY A 99 14.38 -18.26 -14.09
N PRO A 100 14.58 -17.59 -12.95
CA PRO A 100 14.05 -18.13 -11.70
C PRO A 100 12.53 -18.13 -11.64
N VAL A 101 12.00 -19.04 -10.81
CA VAL A 101 10.56 -19.21 -10.60
C VAL A 101 10.22 -19.41 -9.12
N ILE A 102 9.13 -18.82 -8.66
CA ILE A 102 8.74 -19.01 -7.26
C ILE A 102 7.59 -20.00 -7.24
N ALA A 103 7.89 -21.21 -6.77
CA ALA A 103 6.89 -22.26 -6.68
C ALA A 103 6.26 -22.22 -5.29
N MET A 104 4.94 -22.35 -5.23
CA MET A 104 4.24 -22.32 -3.95
C MET A 104 3.07 -23.28 -3.90
N VAL A 105 2.59 -23.55 -2.69
CA VAL A 105 1.45 -24.41 -2.48
C VAL A 105 0.65 -23.69 -1.41
N TRP A 106 -0.58 -23.31 -1.75
CA TRP A 106 -1.43 -22.62 -0.80
C TRP A 106 -2.59 -23.51 -0.36
N GLU A 107 -2.89 -23.47 0.94
CA GLU A 107 -3.94 -24.28 1.55
C GLU A 107 -5.12 -23.40 1.96
N GLY A 108 -6.34 -23.90 1.77
CA GLY A 108 -7.52 -23.13 2.13
C GLY A 108 -8.77 -23.64 1.44
N GLU A 109 -9.94 -23.33 2.01
CA GLU A 109 -11.16 -23.79 1.40
C GLU A 109 -11.43 -23.14 0.06
N GLY A 110 -11.58 -23.97 -0.98
CA GLY A 110 -11.85 -23.45 -2.30
C GLY A 110 -10.71 -22.62 -2.84
N VAL A 111 -9.52 -22.84 -2.28
CA VAL A 111 -8.35 -22.10 -2.70
C VAL A 111 -7.99 -22.34 -4.17
N ILE A 112 -8.25 -23.54 -4.68
CA ILE A 112 -7.94 -23.82 -6.08
C ILE A 112 -8.77 -22.89 -6.96
N THR A 113 -10.09 -22.94 -6.80
CA THR A 113 -10.95 -22.10 -7.60
C THR A 113 -10.65 -20.62 -7.38
N TYR A 114 -10.53 -20.21 -6.13
CA TYR A 114 -10.28 -18.80 -5.90
C TYR A 114 -8.89 -18.37 -6.38
N GLY A 115 -7.93 -19.30 -6.35
CA GLY A 115 -6.60 -18.96 -6.81
C GLY A 115 -6.69 -18.50 -8.25
N ARG A 116 -7.66 -19.05 -8.97
CA ARG A 116 -7.84 -18.67 -10.36
C ARG A 116 -8.55 -17.34 -10.42
N LYS A 117 -9.62 -17.20 -9.64
CA LYS A 117 -10.34 -15.94 -9.63
C LYS A 117 -9.36 -14.80 -9.34
N LEU A 118 -8.42 -15.07 -8.46
CA LEU A 118 -7.40 -14.12 -8.04
C LEU A 118 -6.45 -13.85 -9.19
N ILE A 119 -6.04 -14.91 -9.89
CA ILE A 119 -5.11 -14.78 -11.00
C ILE A 119 -5.69 -14.02 -12.19
N GLY A 120 -6.97 -14.24 -12.49
CA GLY A 120 -7.58 -13.55 -13.61
C GLY A 120 -7.55 -14.38 -14.87
N ALA A 121 -8.13 -13.85 -15.94
CA ALA A 121 -8.18 -14.53 -17.24
C ALA A 121 -6.77 -14.90 -17.74
N THR A 122 -6.71 -15.84 -18.66
CA THR A 122 -5.42 -16.25 -19.20
C THR A 122 -4.74 -15.07 -19.85
N ASP A 123 -5.49 -14.32 -20.65
CA ASP A 123 -4.94 -13.15 -21.30
C ASP A 123 -5.15 -11.91 -20.43
N PRO A 124 -4.05 -11.26 -20.02
CA PRO A 124 -4.18 -10.07 -19.17
C PRO A 124 -5.19 -9.05 -19.71
N GLN A 125 -5.17 -8.83 -21.03
CA GLN A 125 -6.08 -7.86 -21.61
C GLN A 125 -7.56 -8.14 -21.39
N LYS A 126 -7.86 -9.35 -20.94
CA LYS A 126 -9.24 -9.71 -20.70
C LYS A 126 -9.53 -9.97 -19.23
N SER A 127 -8.59 -9.61 -18.36
CA SER A 127 -8.77 -9.79 -16.92
C SER A 127 -9.20 -8.47 -16.33
N ALA A 128 -10.05 -8.53 -15.33
CA ALA A 128 -10.54 -7.31 -14.71
C ALA A 128 -9.57 -6.71 -13.72
N PRO A 129 -9.57 -5.37 -13.64
CA PRO A 129 -8.68 -4.71 -12.70
C PRO A 129 -9.00 -5.38 -11.36
N GLY A 130 -8.00 -5.53 -10.51
CA GLY A 130 -8.24 -6.18 -9.23
C GLY A 130 -7.68 -7.60 -9.23
N THR A 131 -7.51 -8.18 -10.41
CA THR A 131 -6.95 -9.52 -10.49
C THR A 131 -5.46 -9.36 -10.76
N ILE A 132 -4.66 -10.34 -10.36
CA ILE A 132 -3.22 -10.28 -10.55
C ILE A 132 -2.79 -9.97 -11.99
N ARG A 133 -3.25 -10.78 -12.93
CA ARG A 133 -2.90 -10.56 -14.33
C ARG A 133 -3.45 -9.23 -14.83
N GLY A 134 -4.67 -8.90 -14.40
CA GLY A 134 -5.28 -7.65 -14.82
C GLY A 134 -4.47 -6.45 -14.37
N ASP A 135 -4.05 -6.45 -13.11
CA ASP A 135 -3.29 -5.33 -12.56
C ASP A 135 -1.83 -5.30 -12.96
N LEU A 136 -1.20 -6.47 -12.97
CA LEU A 136 0.24 -6.55 -13.23
C LEU A 136 0.79 -7.15 -14.50
N ALA A 137 0.02 -7.27 -15.56
CA ALA A 137 0.58 -7.84 -16.79
C ALA A 137 -0.13 -7.29 -17.99
N VAL A 138 0.52 -7.32 -19.14
CA VAL A 138 -0.08 -6.77 -20.35
C VAL A 138 -0.55 -7.77 -21.39
N VAL A 139 0.30 -8.73 -21.76
CA VAL A 139 -0.09 -9.69 -22.78
C VAL A 139 0.06 -11.16 -22.38
N VAL A 140 -0.71 -12.01 -23.06
CA VAL A 140 -0.75 -13.46 -22.84
C VAL A 140 0.60 -14.17 -22.70
N GLY A 141 1.55 -13.80 -23.56
CA GLY A 141 2.86 -14.42 -23.54
C GLY A 141 3.68 -14.16 -22.31
N ARG A 142 3.32 -13.12 -21.56
CA ARG A 142 4.02 -12.76 -20.34
C ARG A 142 2.97 -12.55 -19.27
N ASN A 143 2.18 -13.58 -18.98
CA ASN A 143 1.14 -13.41 -17.99
C ASN A 143 1.54 -13.78 -16.56
N ILE A 144 2.81 -13.50 -16.26
CA ILE A 144 3.46 -13.66 -14.95
C ILE A 144 3.20 -14.76 -13.92
N ILE A 145 2.06 -15.44 -13.98
CA ILE A 145 1.79 -16.43 -12.95
C ILE A 145 1.05 -17.64 -13.45
N HIS A 146 1.03 -18.69 -12.64
CA HIS A 146 0.32 -19.89 -13.00
C HIS A 146 -0.37 -20.47 -11.77
N GLY A 147 -1.59 -20.96 -11.95
CA GLY A 147 -2.33 -21.54 -10.84
C GLY A 147 -2.99 -22.82 -11.33
N SER A 148 -3.14 -23.81 -10.47
CA SER A 148 -3.76 -25.05 -10.88
C SER A 148 -5.19 -24.77 -11.31
N ASP A 149 -5.65 -25.46 -12.37
CA ASP A 149 -7.00 -25.21 -12.86
C ASP A 149 -8.04 -26.23 -12.43
N GLY A 150 -7.66 -27.17 -11.58
CA GLY A 150 -8.62 -28.17 -11.14
C GLY A 150 -8.07 -28.99 -9.99
N PRO A 151 -8.94 -29.65 -9.23
CA PRO A 151 -8.51 -30.47 -8.09
C PRO A 151 -7.48 -31.55 -8.42
N GLU A 152 -7.57 -32.12 -9.62
CA GLU A 152 -6.62 -33.17 -9.99
C GLU A 152 -5.28 -32.63 -10.43
N THR A 153 -5.29 -31.66 -11.33
CA THR A 153 -4.05 -31.05 -11.81
C THR A 153 -3.33 -30.42 -10.63
N ALA A 154 -4.11 -29.94 -9.67
CA ALA A 154 -3.55 -29.34 -8.47
C ALA A 154 -2.69 -30.38 -7.77
N LYS A 155 -3.26 -31.56 -7.52
CA LYS A 155 -2.53 -32.64 -6.87
C LYS A 155 -1.29 -33.03 -7.65
N ASP A 156 -1.45 -33.23 -8.96
CA ASP A 156 -0.32 -33.62 -9.79
C ASP A 156 0.75 -32.54 -9.74
N GLU A 157 0.36 -31.30 -10.01
CA GLU A 157 1.31 -30.20 -9.97
C GLU A 157 2.08 -30.09 -8.66
N ILE A 158 1.40 -30.33 -7.53
CA ILE A 158 2.07 -30.25 -6.23
C ILE A 158 3.07 -31.40 -6.12
N LYS A 159 2.61 -32.58 -6.51
CA LYS A 159 3.42 -33.79 -6.45
C LYS A 159 4.66 -33.61 -7.34
N LEU A 160 4.52 -32.89 -8.43
CA LEU A 160 5.64 -32.66 -9.34
C LEU A 160 6.66 -31.60 -8.91
N TRP A 161 6.21 -30.53 -8.26
CA TRP A 161 7.14 -29.47 -7.86
C TRP A 161 7.64 -29.57 -6.43
N PHE A 162 7.00 -30.40 -5.62
CA PHE A 162 7.43 -30.52 -4.23
C PHE A 162 7.58 -31.94 -3.71
N LYS A 163 8.63 -32.16 -2.93
CA LYS A 163 8.84 -33.45 -2.30
C LYS A 163 8.03 -33.25 -1.03
N PRO A 164 7.26 -34.26 -0.60
CA PRO A 164 6.47 -34.08 0.61
C PRO A 164 7.20 -33.45 1.81
N GLU A 165 8.52 -33.64 1.90
CA GLU A 165 9.29 -33.10 3.02
C GLU A 165 9.30 -31.57 3.06
N GLU A 166 9.16 -30.96 1.89
CA GLU A 166 9.16 -29.51 1.76
C GLU A 166 7.83 -28.88 2.12
N LEU A 167 6.77 -29.69 2.18
CA LEU A 167 5.45 -29.18 2.54
C LEU A 167 5.28 -29.14 4.05
N VAL A 168 4.47 -28.22 4.56
CA VAL A 168 4.29 -28.15 6.01
C VAL A 168 2.84 -28.32 6.42
N SER A 169 2.64 -28.60 7.70
CA SER A 169 1.30 -28.76 8.26
C SER A 169 1.27 -28.12 9.62
N PHE A 170 0.45 -27.09 9.78
CA PHE A 170 0.32 -26.39 11.04
C PHE A 170 -1.01 -25.70 11.01
N THR A 171 -1.49 -25.25 12.16
CA THR A 171 -2.76 -24.56 12.20
C THR A 171 -2.48 -23.09 12.42
N SER A 172 -2.92 -22.26 11.49
CA SER A 172 -2.68 -20.82 11.65
C SER A 172 -3.47 -20.33 12.83
N ASN A 173 -2.94 -19.33 13.52
CA ASN A 173 -3.60 -18.76 14.67
C ASN A 173 -4.94 -18.19 14.21
N SER A 174 -4.93 -17.59 13.02
CA SER A 174 -6.11 -16.97 12.42
C SER A 174 -7.20 -17.95 11.96
N GLU A 175 -6.92 -19.24 12.04
CA GLU A 175 -7.87 -20.24 11.60
C GLU A 175 -9.23 -20.18 12.32
N LYS A 176 -9.21 -19.97 13.63
CA LYS A 176 -10.45 -19.90 14.42
C LYS A 176 -11.39 -18.84 13.86
N TRP A 177 -10.81 -17.75 13.34
CA TRP A 177 -11.60 -16.66 12.81
C TRP A 177 -11.78 -16.66 11.30
N ILE A 178 -11.06 -17.52 10.60
CA ILE A 178 -11.21 -17.56 9.16
C ILE A 178 -12.29 -18.57 8.78
N TYR A 179 -12.39 -19.64 9.56
CA TYR A 179 -13.35 -20.70 9.25
C TYR A 179 -14.46 -20.98 10.27
N GLY A 180 -14.11 -20.93 11.55
CA GLY A 180 -15.08 -21.19 12.61
C GLY A 180 -16.24 -22.12 12.30
N ALA B 30 31.22 -8.43 -4.83
CA ALA B 30 30.74 -7.29 -3.99
C ALA B 30 29.21 -7.26 -3.95
N GLU B 31 28.61 -7.46 -5.13
CA GLU B 31 27.16 -7.48 -5.30
C GLU B 31 26.65 -8.93 -5.27
N LEU B 32 27.51 -9.83 -4.80
CA LEU B 32 27.17 -11.24 -4.67
C LEU B 32 27.09 -11.60 -3.19
N GLU B 33 27.16 -10.58 -2.34
CA GLU B 33 27.07 -10.78 -0.90
C GLU B 33 25.69 -11.32 -0.57
N ARG B 34 25.64 -12.32 0.32
CA ARG B 34 24.38 -12.91 0.69
C ARG B 34 24.21 -12.91 2.18
N THR B 35 22.96 -12.85 2.63
CA THR B 35 22.68 -12.85 4.06
C THR B 35 21.53 -13.81 4.26
N PHE B 36 21.32 -14.23 5.50
CA PHE B 36 20.23 -15.14 5.81
C PHE B 36 19.12 -14.40 6.55
N ILE B 37 17.91 -14.50 6.03
CA ILE B 37 16.79 -13.85 6.67
C ILE B 37 15.71 -14.87 6.93
N ALA B 38 15.20 -14.88 8.16
CA ALA B 38 14.16 -15.83 8.49
C ALA B 38 13.02 -15.16 9.20
N ILE B 39 11.80 -15.50 8.78
CA ILE B 39 10.63 -14.95 9.43
C ILE B 39 10.26 -15.95 10.52
N LYS B 40 10.35 -15.52 11.76
CA LYS B 40 10.05 -16.38 12.90
C LYS B 40 8.57 -16.75 12.95
N PRO B 41 8.24 -17.87 13.63
CA PRO B 41 6.87 -18.36 13.77
C PRO B 41 5.84 -17.28 14.07
N ASP B 42 6.18 -16.35 14.97
CA ASP B 42 5.25 -15.28 15.32
C ASP B 42 5.04 -14.39 14.10
N GLY B 43 6.09 -14.23 13.29
CA GLY B 43 5.95 -13.42 12.09
C GLY B 43 5.00 -14.09 11.11
N VAL B 44 5.26 -15.37 10.83
CA VAL B 44 4.42 -16.12 9.91
C VAL B 44 2.99 -16.18 10.42
N GLN B 45 2.85 -16.52 11.69
CA GLN B 45 1.54 -16.64 12.28
C GLN B 45 0.75 -15.34 12.20
N ARG B 46 1.46 -14.22 12.15
CA ARG B 46 0.79 -12.93 12.06
C ARG B 46 0.70 -12.42 10.62
N GLY B 47 0.82 -13.34 9.67
CA GLY B 47 0.72 -13.02 8.26
C GLY B 47 1.52 -11.83 7.74
N LEU B 48 2.81 -11.78 8.09
CA LEU B 48 3.67 -10.68 7.66
C LEU B 48 4.62 -11.11 6.53
N ILE B 49 4.32 -12.24 5.92
CA ILE B 49 5.21 -12.73 4.86
C ILE B 49 5.35 -11.76 3.72
N SER B 50 4.23 -11.35 3.12
CA SER B 50 4.30 -10.43 2.01
C SER B 50 5.01 -9.13 2.45
N GLU B 51 4.53 -8.53 3.53
CA GLU B 51 5.09 -7.29 4.03
C GLU B 51 6.61 -7.32 4.19
N ILE B 52 7.10 -8.34 4.90
CA ILE B 52 8.53 -8.43 5.11
C ILE B 52 9.25 -8.59 3.77
N ILE B 53 8.85 -9.57 2.99
CA ILE B 53 9.53 -9.78 1.71
C ILE B 53 9.57 -8.52 0.88
N SER B 54 8.52 -7.70 0.95
CA SER B 54 8.51 -6.50 0.12
C SER B 54 9.61 -5.54 0.51
N ARG B 55 9.84 -5.38 1.81
CA ARG B 55 10.89 -4.47 2.26
C ARG B 55 12.21 -4.82 1.56
N PHE B 56 12.46 -6.12 1.39
CA PHE B 56 13.69 -6.55 0.74
C PHE B 56 13.62 -6.50 -0.78
N GLU B 57 12.56 -7.06 -1.35
CA GLU B 57 12.43 -7.07 -2.81
C GLU B 57 12.51 -5.66 -3.42
N ARG B 58 11.69 -4.73 -2.92
CA ARG B 58 11.65 -3.38 -3.45
C ARG B 58 12.93 -2.57 -3.31
N LYS B 59 13.81 -2.99 -2.41
CA LYS B 59 15.08 -2.31 -2.19
C LYS B 59 16.01 -2.54 -3.37
N GLY B 60 15.95 -3.75 -3.94
CA GLY B 60 16.81 -4.12 -5.05
C GLY B 60 17.52 -5.45 -4.83
N PHE B 61 17.50 -5.96 -3.61
CA PHE B 61 18.14 -7.24 -3.31
C PHE B 61 17.38 -8.37 -3.99
N LYS B 62 18.03 -9.50 -4.24
CA LYS B 62 17.30 -10.58 -4.90
C LYS B 62 17.17 -11.86 -4.09
N LEU B 63 15.96 -12.43 -4.15
CA LEU B 63 15.66 -13.66 -3.43
C LEU B 63 16.32 -14.82 -4.17
N VAL B 64 17.37 -15.38 -3.58
CA VAL B 64 18.07 -16.49 -4.21
C VAL B 64 17.82 -17.80 -3.52
N GLY B 65 17.09 -17.76 -2.40
CA GLY B 65 16.80 -18.98 -1.66
C GLY B 65 15.63 -18.79 -0.71
N ILE B 66 14.65 -19.69 -0.77
CA ILE B 66 13.49 -19.58 0.11
C ILE B 66 12.81 -20.92 0.32
N LYS B 67 12.31 -21.14 1.53
CA LYS B 67 11.60 -22.37 1.87
C LYS B 67 10.80 -22.13 3.13
N VAL B 68 9.83 -23.01 3.39
CA VAL B 68 9.04 -22.91 4.61
C VAL B 68 9.31 -24.22 5.32
N LEU B 69 9.44 -24.18 6.64
CA LEU B 69 9.71 -25.39 7.40
C LEU B 69 9.45 -25.20 8.88
N ILE B 70 9.22 -26.30 9.58
CA ILE B 70 8.99 -26.24 11.01
C ILE B 70 10.23 -26.83 11.69
N PRO B 71 11.15 -25.96 12.11
CA PRO B 71 12.40 -26.39 12.76
C PRO B 71 12.17 -27.36 13.88
N THR B 72 13.02 -28.38 13.95
CA THR B 72 12.94 -29.37 15.02
C THR B 72 13.58 -28.69 16.24
N LYS B 73 13.15 -29.07 17.44
CA LYS B 73 13.70 -28.49 18.66
C LYS B 73 15.24 -28.51 18.60
N GLN B 74 15.78 -29.60 18.07
CA GLN B 74 17.23 -29.76 17.93
C GLN B 74 17.81 -28.76 16.94
N PHE B 75 17.27 -28.76 15.72
CA PHE B 75 17.73 -27.86 14.67
C PHE B 75 17.83 -26.44 15.25
N ALA B 76 16.80 -26.03 15.97
CA ALA B 76 16.76 -24.72 16.58
C ALA B 76 18.01 -24.45 17.41
N GLN B 77 18.50 -25.50 18.06
CA GLN B 77 19.67 -25.38 18.92
C GLN B 77 21.00 -25.20 18.20
N GLN B 78 21.16 -25.74 17.00
CA GLN B 78 22.42 -25.54 16.30
C GLN B 78 22.39 -24.25 15.49
N HIS B 79 21.28 -23.52 15.59
CA HIS B 79 21.13 -22.23 14.93
C HIS B 79 21.52 -21.20 15.97
N TYR B 80 20.90 -21.33 17.14
CA TYR B 80 21.16 -20.43 18.26
C TYR B 80 22.31 -20.97 19.11
N HIS B 81 23.18 -21.78 18.48
CA HIS B 81 24.31 -22.39 19.19
C HIS B 81 25.25 -21.43 19.92
N ASP B 82 25.53 -20.27 19.32
CA ASP B 82 26.41 -19.30 19.97
C ASP B 82 25.79 -18.76 21.26
N LEU B 83 24.55 -19.17 21.53
CA LEU B 83 23.84 -18.71 22.71
C LEU B 83 23.50 -19.85 23.67
N LYS B 84 24.05 -21.03 23.40
CA LYS B 84 23.77 -22.20 24.24
C LYS B 84 24.21 -21.96 25.69
N GLU B 85 24.95 -20.88 25.89
CA GLU B 85 25.45 -20.52 27.22
C GLU B 85 24.42 -19.70 28.01
N ARG B 86 23.64 -18.89 27.30
CA ARG B 86 22.65 -18.03 27.92
C ARG B 86 21.49 -18.76 28.60
N PRO B 87 20.75 -18.06 29.47
CA PRO B 87 19.60 -18.58 30.21
C PRO B 87 18.27 -18.51 29.44
N PHE B 88 18.36 -18.23 28.15
CA PHE B 88 17.17 -18.14 27.31
C PHE B 88 17.34 -18.99 26.05
N PHE B 89 18.52 -19.59 25.92
CA PHE B 89 18.84 -20.44 24.78
C PHE B 89 17.75 -21.49 24.57
N ASN B 90 17.38 -22.12 25.68
CA ASN B 90 16.35 -23.15 25.66
C ASN B 90 15.00 -22.54 25.25
N GLY B 91 14.66 -21.41 25.88
CA GLY B 91 13.42 -20.74 25.56
C GLY B 91 13.36 -20.40 24.08
N LEU B 92 14.45 -19.83 23.58
CA LEU B 92 14.58 -19.47 22.17
C LEU B 92 14.34 -20.68 21.27
N CYS B 93 15.06 -21.76 21.55
CA CYS B 93 14.95 -22.97 20.74
C CYS B 93 13.55 -23.58 20.69
N ASP B 94 12.82 -23.53 21.79
CA ASP B 94 11.47 -24.08 21.79
C ASP B 94 10.59 -23.24 20.86
N PHE B 95 10.72 -21.93 20.98
CA PHE B 95 9.95 -20.99 20.17
C PHE B 95 10.25 -21.10 18.67
N LEU B 96 11.52 -21.13 18.30
CA LEU B 96 11.89 -21.22 16.90
C LEU B 96 11.41 -22.53 16.27
N SER B 97 10.71 -23.34 17.06
CA SER B 97 10.20 -24.62 16.56
C SER B 97 8.72 -24.80 16.91
N SER B 98 8.12 -23.76 17.48
CA SER B 98 6.71 -23.78 17.86
C SER B 98 5.77 -23.59 16.66
N GLY B 99 6.33 -23.36 15.48
CA GLY B 99 5.52 -23.16 14.30
C GLY B 99 6.33 -23.03 13.01
N PRO B 100 5.66 -22.77 11.88
CA PRO B 100 6.35 -22.63 10.60
C PRO B 100 7.31 -21.45 10.56
N VAL B 101 8.30 -21.54 9.69
CA VAL B 101 9.29 -20.50 9.54
C VAL B 101 9.61 -20.26 8.07
N ILE B 102 9.71 -19.00 7.67
CA ILE B 102 10.05 -18.71 6.28
C ILE B 102 11.54 -18.41 6.29
N ALA B 103 12.33 -19.33 5.75
CA ALA B 103 13.77 -19.16 5.69
C ALA B 103 14.12 -18.56 4.34
N MET B 104 15.05 -17.61 4.33
CA MET B 104 15.42 -16.97 3.07
C MET B 104 16.88 -16.57 2.95
N VAL B 105 17.31 -16.40 1.71
CA VAL B 105 18.66 -15.97 1.41
C VAL B 105 18.57 -14.84 0.40
N TRP B 106 19.04 -13.67 0.81
CA TRP B 106 19.01 -12.49 -0.06
C TRP B 106 20.40 -12.07 -0.51
N GLU B 107 20.51 -11.70 -1.77
CA GLU B 107 21.76 -11.31 -2.36
C GLU B 107 21.77 -9.88 -2.84
N GLY B 108 22.87 -9.20 -2.61
CA GLY B 108 23.00 -7.82 -3.03
C GLY B 108 24.13 -7.17 -2.27
N GLU B 109 24.66 -6.07 -2.80
CA GLU B 109 25.75 -5.40 -2.13
C GLU B 109 25.40 -4.81 -0.77
N GLY B 110 26.15 -5.21 0.24
CA GLY B 110 25.92 -4.72 1.59
C GLY B 110 24.62 -5.23 2.19
N VAL B 111 24.06 -6.25 1.56
CA VAL B 111 22.80 -6.81 2.02
C VAL B 111 22.83 -7.25 3.49
N ILE B 112 23.92 -7.88 3.92
CA ILE B 112 24.01 -8.31 5.31
C ILE B 112 23.81 -7.15 6.24
N THR B 113 24.56 -6.07 6.00
CA THR B 113 24.44 -4.90 6.84
C THR B 113 23.11 -4.18 6.70
N TYR B 114 22.68 -3.91 5.46
CA TYR B 114 21.42 -3.21 5.30
C TYR B 114 20.27 -4.09 5.76
N GLY B 115 20.43 -5.40 5.62
CA GLY B 115 19.40 -6.31 6.05
C GLY B 115 19.11 -6.04 7.51
N ARG B 116 20.15 -5.77 8.28
CA ARG B 116 19.96 -5.49 9.69
C ARG B 116 19.29 -4.14 9.90
N LYS B 117 19.70 -3.12 9.13
CA LYS B 117 19.10 -1.80 9.26
C LYS B 117 17.60 -1.91 9.00
N LEU B 118 17.25 -2.74 8.01
CA LEU B 118 15.87 -2.97 7.62
C LEU B 118 15.11 -3.59 8.79
N ILE B 119 15.74 -4.56 9.43
CA ILE B 119 15.11 -5.23 10.55
C ILE B 119 14.93 -4.33 11.78
N GLY B 120 15.94 -3.50 12.04
CA GLY B 120 15.87 -2.61 13.18
C GLY B 120 16.43 -3.24 14.45
N ALA B 121 16.40 -2.47 15.54
CA ALA B 121 16.91 -2.92 16.83
C ALA B 121 16.37 -4.28 17.24
N THR B 122 17.11 -4.98 18.09
CA THR B 122 16.67 -6.29 18.54
C THR B 122 15.33 -6.13 19.26
N ASP B 123 15.23 -5.07 20.03
CA ASP B 123 14.03 -4.76 20.78
C ASP B 123 13.12 -3.83 19.97
N PRO B 124 11.92 -4.32 19.59
CA PRO B 124 11.00 -3.50 18.80
C PRO B 124 10.81 -2.12 19.43
N GLN B 125 10.60 -2.08 20.73
CA GLN B 125 10.41 -0.84 21.49
C GLN B 125 11.49 0.20 21.18
N LYS B 126 12.66 -0.28 20.77
CA LYS B 126 13.77 0.60 20.49
C LYS B 126 14.08 0.75 19.01
N SER B 127 13.23 0.19 18.17
CA SER B 127 13.44 0.28 16.73
C SER B 127 12.72 1.51 16.20
N ALA B 128 13.25 2.07 15.12
CA ALA B 128 12.68 3.26 14.52
C ALA B 128 11.55 2.97 13.56
N PRO B 129 10.51 3.83 13.56
CA PRO B 129 9.41 3.61 12.64
C PRO B 129 10.06 3.57 11.26
N GLY B 130 9.71 2.57 10.46
CA GLY B 130 10.31 2.44 9.15
C GLY B 130 11.02 1.12 9.07
N THR B 131 11.38 0.57 10.23
CA THR B 131 12.05 -0.72 10.28
C THR B 131 11.00 -1.79 10.49
N ILE B 132 11.31 -3.00 10.04
CA ILE B 132 10.39 -4.12 10.17
C ILE B 132 9.89 -4.35 11.60
N ARG B 133 10.81 -4.39 12.57
CA ARG B 133 10.41 -4.61 13.95
C ARG B 133 9.72 -3.40 14.56
N GLY B 134 10.20 -2.22 14.20
CA GLY B 134 9.59 -1.00 14.70
C GLY B 134 8.15 -0.84 14.23
N ASP B 135 7.84 -1.38 13.06
CA ASP B 135 6.49 -1.28 12.51
C ASP B 135 5.56 -2.43 12.83
N LEU B 136 6.09 -3.65 12.81
CA LEU B 136 5.26 -4.84 13.00
C LEU B 136 5.38 -5.66 14.28
N ALA B 137 6.25 -5.26 15.20
CA ALA B 137 6.40 -6.02 16.44
C ALA B 137 6.35 -5.11 17.67
N VAL B 138 6.14 -5.71 18.82
CA VAL B 138 6.03 -4.91 20.05
C VAL B 138 7.13 -5.19 21.09
N VAL B 139 7.38 -6.47 21.37
CA VAL B 139 8.36 -6.82 22.39
C VAL B 139 9.49 -7.71 21.88
N VAL B 140 10.59 -7.73 22.63
CA VAL B 140 11.77 -8.50 22.29
C VAL B 140 11.49 -9.98 22.12
N GLY B 141 10.70 -10.54 23.03
CA GLY B 141 10.38 -11.94 22.97
C GLY B 141 9.69 -12.39 21.68
N ARG B 142 9.06 -11.44 21.01
CA ARG B 142 8.35 -11.74 19.77
C ARG B 142 8.74 -10.71 18.71
N ASN B 143 10.02 -10.68 18.38
CA ASN B 143 10.50 -9.74 17.39
C ASN B 143 10.46 -10.26 15.94
N ILE B 144 9.44 -11.08 15.68
CA ILE B 144 9.09 -11.62 14.38
C ILE B 144 10.10 -12.00 13.29
N ILE B 145 11.36 -11.61 13.40
CA ILE B 145 12.29 -11.90 12.31
C ILE B 145 13.72 -12.06 12.76
N HIS B 146 14.54 -12.64 11.89
CA HIS B 146 15.96 -12.82 12.19
C HIS B 146 16.79 -12.56 10.93
N GLY B 147 17.95 -11.92 11.13
CA GLY B 147 18.82 -11.64 10.02
C GLY B 147 20.26 -11.82 10.45
N SER B 148 21.08 -12.47 9.61
CA SER B 148 22.47 -12.69 9.94
C SER B 148 23.09 -11.36 10.37
N ASP B 149 23.92 -11.39 11.41
CA ASP B 149 24.54 -10.18 11.91
C ASP B 149 25.96 -9.90 11.39
N GLY B 150 26.48 -10.80 10.56
CA GLY B 150 27.81 -10.59 10.04
C GLY B 150 28.15 -11.52 8.89
N PRO B 151 29.24 -11.23 8.17
CA PRO B 151 29.71 -12.01 7.02
C PRO B 151 29.89 -13.49 7.34
N GLU B 152 30.40 -13.76 8.54
CA GLU B 152 30.67 -15.14 8.97
C GLU B 152 29.38 -15.86 9.36
N THR B 153 28.68 -15.32 10.35
CA THR B 153 27.42 -15.93 10.77
C THR B 153 26.51 -16.11 9.56
N ALA B 154 26.65 -15.22 8.58
CA ALA B 154 25.86 -15.31 7.37
C ALA B 154 26.22 -16.61 6.66
N LYS B 155 27.50 -16.72 6.30
CA LYS B 155 28.01 -17.90 5.62
C LYS B 155 27.56 -19.19 6.29
N ASP B 156 27.70 -19.25 7.62
CA ASP B 156 27.30 -20.44 8.34
C ASP B 156 25.79 -20.62 8.26
N GLU B 157 25.06 -19.59 8.69
CA GLU B 157 23.61 -19.64 8.66
C GLU B 157 23.05 -20.09 7.31
N ILE B 158 23.59 -19.56 6.23
CA ILE B 158 23.10 -19.98 4.93
C ILE B 158 23.34 -21.48 4.75
N LYS B 159 24.55 -21.94 5.08
CA LYS B 159 24.86 -23.36 4.93
C LYS B 159 24.06 -24.25 5.87
N LEU B 160 23.68 -23.72 7.02
CA LEU B 160 22.91 -24.47 7.99
C LEU B 160 21.45 -24.66 7.58
N TRP B 161 20.91 -23.72 6.81
CA TRP B 161 19.51 -23.81 6.41
C TRP B 161 19.24 -24.19 4.95
N PHE B 162 20.24 -24.09 4.09
CA PHE B 162 19.98 -24.44 2.70
C PHE B 162 21.01 -25.36 2.07
N LYS B 163 20.52 -26.31 1.29
CA LYS B 163 21.39 -27.22 0.57
C LYS B 163 21.78 -26.37 -0.63
N PRO B 164 23.03 -26.47 -1.10
CA PRO B 164 23.42 -25.65 -2.26
C PRO B 164 22.51 -25.73 -3.50
N GLU B 165 21.71 -26.79 -3.64
CA GLU B 165 20.82 -26.89 -4.81
C GLU B 165 19.66 -25.91 -4.63
N GLU B 166 19.19 -25.80 -3.39
CA GLU B 166 18.07 -24.92 -3.07
C GLU B 166 18.34 -23.46 -3.46
N LEU B 167 19.60 -23.07 -3.56
CA LEU B 167 19.94 -21.69 -3.92
C LEU B 167 20.01 -21.55 -5.45
N VAL B 168 19.72 -20.36 -5.96
CA VAL B 168 19.75 -20.13 -7.40
C VAL B 168 20.74 -19.03 -7.79
N SER B 169 21.17 -19.07 -9.04
CA SER B 169 22.11 -18.09 -9.58
C SER B 169 21.61 -17.57 -10.93
N PHE B 170 21.26 -16.28 -10.96
CA PHE B 170 20.77 -15.66 -12.17
C PHE B 170 21.02 -14.16 -11.99
N THR B 171 21.12 -13.44 -13.09
CA THR B 171 21.33 -12.00 -12.99
C THR B 171 19.99 -11.33 -13.29
N SER B 172 19.44 -10.64 -12.29
CA SER B 172 18.15 -9.98 -12.45
C SER B 172 18.16 -8.94 -13.56
N ASN B 173 17.03 -8.82 -14.23
CA ASN B 173 16.88 -7.86 -15.31
C ASN B 173 17.21 -6.44 -14.82
N SER B 174 16.87 -6.16 -13.57
CA SER B 174 17.09 -4.86 -12.98
C SER B 174 18.51 -4.64 -12.45
N GLU B 175 19.40 -5.61 -12.67
CA GLU B 175 20.77 -5.46 -12.20
C GLU B 175 21.53 -4.32 -12.85
N LYS B 176 21.36 -4.17 -14.15
CA LYS B 176 22.04 -3.13 -14.90
C LYS B 176 21.66 -1.73 -14.40
N TRP B 177 20.46 -1.59 -13.83
CA TRP B 177 20.04 -0.29 -13.34
C TRP B 177 20.20 -0.12 -11.82
N ILE B 178 20.48 -1.21 -11.12
CA ILE B 178 20.67 -1.13 -9.69
C ILE B 178 22.12 -0.87 -9.39
N TYR B 179 23.00 -1.48 -10.19
CA TYR B 179 24.44 -1.32 -10.03
C TYR B 179 25.13 -0.70 -11.27
N ALA C 30 2.24 -2.62 -32.44
CA ALA C 30 1.16 -3.00 -31.47
C ALA C 30 1.52 -2.56 -30.05
N GLU C 31 2.76 -2.84 -29.64
CA GLU C 31 3.26 -2.47 -28.31
C GLU C 31 3.66 -0.99 -28.28
N LEU C 32 3.33 -0.29 -29.36
CA LEU C 32 3.65 1.12 -29.50
C LEU C 32 2.41 1.98 -29.38
N GLU C 33 1.25 1.35 -29.18
CA GLU C 33 0.00 2.08 -29.03
C GLU C 33 0.15 3.08 -27.91
N ARG C 34 -0.56 4.20 -28.02
CA ARG C 34 -0.49 5.22 -26.98
C ARG C 34 -1.85 5.80 -26.74
N THR C 35 -2.12 6.15 -25.49
CA THR C 35 -3.41 6.71 -25.14
C THR C 35 -3.18 7.95 -24.32
N PHE C 36 -4.20 8.78 -24.21
CA PHE C 36 -4.12 10.00 -23.43
C PHE C 36 -4.90 9.83 -22.14
N ILE C 37 -4.24 10.08 -21.02
CA ILE C 37 -4.90 9.97 -19.73
C ILE C 37 -4.70 11.32 -19.05
N ALA C 38 -5.77 11.83 -18.44
CA ALA C 38 -5.68 13.12 -17.78
C ALA C 38 -6.37 13.07 -16.43
N ILE C 39 -5.67 13.53 -15.40
CA ILE C 39 -6.28 13.55 -14.10
C ILE C 39 -6.92 14.93 -14.05
N LYS C 40 -8.25 14.96 -14.06
CA LYS C 40 -8.97 16.23 -14.03
C LYS C 40 -8.74 16.94 -12.72
N PRO C 41 -9.17 18.21 -12.63
CA PRO C 41 -9.01 19.01 -11.42
C PRO C 41 -9.44 18.34 -10.12
N ASP C 42 -10.60 17.68 -10.11
CA ASP C 42 -11.03 17.04 -8.88
C ASP C 42 -10.03 15.99 -8.45
N GLY C 43 -9.53 15.21 -9.40
CA GLY C 43 -8.54 14.20 -9.07
C GLY C 43 -7.31 14.84 -8.45
N VAL C 44 -6.81 15.88 -9.09
CA VAL C 44 -5.61 16.55 -8.59
C VAL C 44 -5.88 17.21 -7.23
N GLN C 45 -7.02 17.87 -7.11
CA GLN C 45 -7.35 18.55 -5.86
C GLN C 45 -7.62 17.57 -4.73
N ARG C 46 -7.73 16.29 -5.06
CA ARG C 46 -7.98 15.28 -4.04
C ARG C 46 -6.73 14.43 -3.82
N GLY C 47 -5.62 14.85 -4.43
CA GLY C 47 -4.35 14.17 -4.26
C GLY C 47 -4.30 12.73 -4.73
N LEU C 48 -4.87 12.47 -5.91
CA LEU C 48 -4.88 11.13 -6.46
C LEU C 48 -3.81 10.89 -7.53
N ILE C 49 -2.86 11.82 -7.66
CA ILE C 49 -1.82 11.68 -8.69
C ILE C 49 -1.02 10.39 -8.59
N SER C 50 -0.30 10.23 -7.47
CA SER C 50 0.51 9.03 -7.28
C SER C 50 -0.35 7.77 -7.44
N GLU C 51 -1.52 7.76 -6.81
CA GLU C 51 -2.41 6.60 -6.90
C GLU C 51 -2.82 6.27 -8.34
N ILE C 52 -3.30 7.27 -9.08
CA ILE C 52 -3.71 7.02 -10.45
C ILE C 52 -2.51 6.56 -11.29
N ILE C 53 -1.39 7.25 -11.15
CA ILE C 53 -0.21 6.88 -11.92
C ILE C 53 0.23 5.46 -11.64
N SER C 54 0.13 5.02 -10.39
CA SER C 54 0.57 3.67 -10.07
C SER C 54 -0.22 2.57 -10.78
N ARG C 55 -1.49 2.80 -11.04
CA ARG C 55 -2.30 1.79 -11.70
C ARG C 55 -1.79 1.52 -13.09
N PHE C 56 -1.29 2.55 -13.76
CA PHE C 56 -0.74 2.39 -15.11
C PHE C 56 0.72 1.91 -15.05
N GLU C 57 1.50 2.48 -14.14
CA GLU C 57 2.90 2.08 -14.03
C GLU C 57 3.06 0.61 -13.66
N ARG C 58 2.39 0.17 -12.59
CA ARG C 58 2.50 -1.23 -12.14
C ARG C 58 1.91 -2.22 -13.12
N LYS C 59 1.13 -1.76 -14.08
CA LYS C 59 0.53 -2.67 -15.05
C LYS C 59 1.60 -3.10 -16.04
N GLY C 60 2.53 -2.20 -16.32
CA GLY C 60 3.60 -2.49 -17.26
C GLY C 60 3.65 -1.47 -18.39
N PHE C 61 2.66 -0.58 -18.44
CA PHE C 61 2.61 0.46 -19.46
C PHE C 61 3.72 1.46 -19.17
N LYS C 62 4.12 2.27 -20.16
CA LYS C 62 5.16 3.23 -19.89
C LYS C 62 4.79 4.67 -20.19
N LEU C 63 5.23 5.54 -19.27
CA LEU C 63 4.97 6.96 -19.32
C LEU C 63 5.87 7.62 -20.36
N VAL C 64 5.30 7.99 -21.49
CA VAL C 64 6.08 8.62 -22.55
C VAL C 64 5.85 10.11 -22.65
N GLY C 65 5.00 10.64 -21.77
CA GLY C 65 4.71 12.08 -21.76
C GLY C 65 3.86 12.49 -20.57
N ILE C 66 4.22 13.60 -19.94
CA ILE C 66 3.46 14.07 -18.79
C ILE C 66 3.74 15.54 -18.56
N LYS C 67 2.77 16.25 -17.97
CA LYS C 67 2.91 17.68 -17.70
C LYS C 67 1.75 18.14 -16.81
N VAL C 68 1.95 19.24 -16.10
CA VAL C 68 0.88 19.79 -15.28
C VAL C 68 0.51 21.12 -15.94
N LEU C 69 -0.74 21.52 -15.82
CA LEU C 69 -1.16 22.77 -16.44
C LEU C 69 -2.61 23.09 -16.09
N ILE C 70 -3.02 24.32 -16.36
CA ILE C 70 -4.39 24.74 -16.09
C ILE C 70 -5.02 25.12 -17.43
N PRO C 71 -5.82 24.20 -17.99
CA PRO C 71 -6.48 24.47 -19.27
C PRO C 71 -7.25 25.79 -19.26
N THR C 72 -7.24 26.49 -20.39
CA THR C 72 -7.99 27.74 -20.51
C THR C 72 -9.38 27.28 -20.96
N LYS C 73 -10.44 28.02 -20.62
CA LYS C 73 -11.76 27.57 -21.04
C LYS C 73 -11.75 27.30 -22.54
N GLN C 74 -10.93 28.08 -23.26
CA GLN C 74 -10.80 27.92 -24.70
C GLN C 74 -10.34 26.51 -25.00
N PHE C 75 -9.12 26.22 -24.56
CA PHE C 75 -8.52 24.90 -24.76
C PHE C 75 -9.50 23.78 -24.39
N ALA C 76 -10.18 23.95 -23.26
CA ALA C 76 -11.14 22.95 -22.80
C ALA C 76 -12.19 22.66 -23.86
N GLN C 77 -12.68 23.71 -24.49
CA GLN C 77 -13.70 23.58 -25.52
C GLN C 77 -13.12 22.85 -26.72
N GLN C 78 -11.83 23.06 -26.97
CA GLN C 78 -11.19 22.39 -28.08
C GLN C 78 -11.15 20.88 -27.78
N HIS C 79 -10.79 20.52 -26.55
CA HIS C 79 -10.72 19.12 -26.14
C HIS C 79 -12.09 18.46 -26.21
N TYR C 80 -13.13 19.21 -25.84
CA TYR C 80 -14.51 18.71 -25.84
C TYR C 80 -15.29 19.11 -27.09
N HIS C 81 -14.58 19.55 -28.13
CA HIS C 81 -15.22 19.99 -29.38
C HIS C 81 -16.36 19.08 -29.82
N ASP C 82 -16.28 17.81 -29.47
CA ASP C 82 -17.30 16.83 -29.83
C ASP C 82 -18.65 17.09 -29.15
N LEU C 83 -18.60 17.72 -27.98
CA LEU C 83 -19.81 17.98 -27.21
C LEU C 83 -20.24 19.45 -27.21
N LYS C 84 -19.71 20.22 -28.16
CA LYS C 84 -20.01 21.65 -28.23
C LYS C 84 -21.48 22.05 -28.19
N GLU C 85 -22.38 21.20 -28.68
CA GLU C 85 -23.79 21.57 -28.66
C GLU C 85 -24.62 20.67 -27.74
N ARG C 86 -24.12 20.48 -26.52
CA ARG C 86 -24.80 19.66 -25.52
C ARG C 86 -24.98 20.55 -24.31
N PRO C 87 -26.04 20.30 -23.52
CA PRO C 87 -26.30 21.10 -22.33
C PRO C 87 -25.09 21.27 -21.40
N PHE C 88 -24.48 20.15 -21.02
CA PHE C 88 -23.33 20.13 -20.12
C PHE C 88 -21.99 20.63 -20.69
N PHE C 89 -21.92 20.86 -21.99
CA PHE C 89 -20.68 21.32 -22.61
C PHE C 89 -20.01 22.44 -21.82
N ASN C 90 -20.76 23.51 -21.55
CA ASN C 90 -20.19 24.64 -20.84
C ASN C 90 -19.68 24.28 -19.45
N GLY C 91 -20.41 23.41 -18.75
CA GLY C 91 -20.00 22.99 -17.42
C GLY C 91 -18.66 22.27 -17.49
N LEU C 92 -18.56 21.32 -18.41
CA LEU C 92 -17.33 20.54 -18.61
C LEU C 92 -16.13 21.44 -18.84
N CYS C 93 -16.31 22.47 -19.67
CA CYS C 93 -15.24 23.40 -20.00
C CYS C 93 -14.87 24.29 -18.84
N ASP C 94 -15.88 24.73 -18.09
CA ASP C 94 -15.61 25.56 -16.94
C ASP C 94 -14.90 24.71 -15.88
N PHE C 95 -15.30 23.46 -15.76
CA PHE C 95 -14.70 22.59 -14.78
C PHE C 95 -13.28 22.15 -15.12
N LEU C 96 -13.07 21.72 -16.36
CA LEU C 96 -11.75 21.27 -16.80
C LEU C 96 -10.71 22.39 -16.71
N SER C 97 -11.18 23.61 -16.52
CA SER C 97 -10.30 24.77 -16.42
C SER C 97 -10.41 25.44 -15.06
N SER C 98 -11.03 24.75 -14.09
CA SER C 98 -11.20 25.31 -12.75
C SER C 98 -10.04 24.96 -11.84
N GLY C 99 -8.98 24.38 -12.39
CA GLY C 99 -7.84 24.00 -11.57
C GLY C 99 -6.77 23.25 -12.33
N PRO C 100 -5.71 22.84 -11.66
CA PRO C 100 -4.65 22.11 -12.36
C PRO C 100 -5.08 20.73 -12.86
N VAL C 101 -4.40 20.27 -13.91
CA VAL C 101 -4.66 18.98 -14.54
C VAL C 101 -3.37 18.24 -14.87
N ILE C 102 -3.34 16.92 -14.67
CA ILE C 102 -2.15 16.15 -15.00
C ILE C 102 -2.40 15.44 -16.31
N ALA C 103 -1.75 15.91 -17.37
CA ALA C 103 -1.90 15.32 -18.69
C ALA C 103 -0.80 14.29 -18.88
N MET C 104 -1.17 13.14 -19.44
CA MET C 104 -0.20 12.07 -19.66
C MET C 104 -0.46 11.31 -20.96
N VAL C 105 0.57 10.56 -21.39
CA VAL C 105 0.47 9.74 -22.58
C VAL C 105 1.13 8.45 -22.18
N TRP C 106 0.38 7.36 -22.21
CA TRP C 106 0.92 6.06 -21.85
C TRP C 106 1.04 5.16 -23.07
N GLU C 107 2.16 4.44 -23.15
CA GLU C 107 2.46 3.55 -24.28
C GLU C 107 2.36 2.09 -23.84
N GLY C 108 1.84 1.23 -24.71
CA GLY C 108 1.72 -0.18 -24.38
C GLY C 108 0.70 -0.89 -25.25
N GLU C 109 0.82 -2.21 -25.34
CA GLU C 109 -0.11 -2.96 -26.17
C GLU C 109 -1.52 -2.93 -25.62
N GLY C 110 -2.45 -2.46 -26.43
CA GLY C 110 -3.85 -2.40 -26.00
C GLY C 110 -4.05 -1.47 -24.83
N VAL C 111 -3.12 -0.53 -24.67
CA VAL C 111 -3.20 0.43 -23.57
C VAL C 111 -4.44 1.30 -23.66
N ILE C 112 -4.88 1.63 -24.87
CA ILE C 112 -6.07 2.47 -25.02
C ILE C 112 -7.26 1.76 -24.39
N THR C 113 -7.54 0.55 -24.86
CA THR C 113 -8.66 -0.21 -24.33
C THR C 113 -8.48 -0.47 -22.85
N TYR C 114 -7.32 -0.93 -22.44
CA TYR C 114 -7.15 -1.22 -21.03
C TYR C 114 -7.19 0.04 -20.17
N GLY C 115 -6.75 1.16 -20.73
CA GLY C 115 -6.77 2.39 -19.97
C GLY C 115 -8.20 2.67 -19.53
N ARG C 116 -9.15 2.23 -20.35
CA ARG C 116 -10.54 2.43 -20.03
C ARG C 116 -10.96 1.40 -19.00
N LYS C 117 -10.60 0.14 -19.23
CA LYS C 117 -10.95 -0.90 -18.28
C LYS C 117 -10.47 -0.49 -16.89
N LEU C 118 -9.29 0.14 -16.86
CA LEU C 118 -8.66 0.60 -15.63
C LEU C 118 -9.45 1.75 -15.04
N ILE C 119 -9.87 2.67 -15.90
CA ILE C 119 -10.63 3.84 -15.46
C ILE C 119 -12.01 3.50 -14.91
N GLY C 120 -12.68 2.54 -15.52
CA GLY C 120 -14.00 2.16 -15.05
C GLY C 120 -15.10 2.89 -15.80
N ALA C 121 -16.35 2.57 -15.47
CA ALA C 121 -17.52 3.19 -16.11
C ALA C 121 -17.49 4.72 -15.98
N THR C 122 -18.24 5.39 -16.84
CA THR C 122 -18.29 6.83 -16.80
C THR C 122 -18.78 7.29 -15.44
N ASP C 123 -19.85 6.67 -14.96
CA ASP C 123 -20.41 7.02 -13.67
C ASP C 123 -19.77 6.15 -12.58
N PRO C 124 -19.09 6.77 -11.61
CA PRO C 124 -18.45 6.00 -10.54
C PRO C 124 -19.38 4.97 -9.91
N GLN C 125 -20.63 5.36 -9.67
CA GLN C 125 -21.57 4.47 -9.03
C GLN C 125 -21.82 3.16 -9.78
N LYS C 126 -21.39 3.12 -11.03
CA LYS C 126 -21.58 1.92 -11.83
C LYS C 126 -20.26 1.24 -12.20
N SER C 127 -19.17 1.67 -11.57
CA SER C 127 -17.87 1.08 -11.82
C SER C 127 -17.58 0.08 -10.72
N ALA C 128 -16.91 -1.01 -11.07
CA ALA C 128 -16.61 -2.03 -10.09
C ALA C 128 -15.43 -1.70 -9.23
N PRO C 129 -15.47 -2.13 -7.98
CA PRO C 129 -14.35 -1.87 -7.07
C PRO C 129 -13.14 -2.41 -7.82
N GLY C 130 -12.00 -1.77 -7.65
CA GLY C 130 -10.82 -2.21 -8.38
C GLY C 130 -10.49 -1.29 -9.53
N THR C 131 -11.49 -0.54 -10.01
CA THR C 131 -11.25 0.40 -11.10
C THR C 131 -11.03 1.76 -10.46
N ILE C 132 -10.29 2.64 -11.13
CA ILE C 132 -10.00 3.97 -10.58
C ILE C 132 -11.25 4.74 -10.13
N ARG C 133 -12.21 4.90 -11.03
CA ARG C 133 -13.42 5.63 -10.69
C ARG C 133 -14.20 4.89 -9.60
N GLY C 134 -14.23 3.57 -9.70
CA GLY C 134 -14.94 2.78 -8.70
C GLY C 134 -14.37 2.96 -7.30
N ASP C 135 -13.05 2.90 -7.20
CA ASP C 135 -12.38 3.04 -5.90
C ASP C 135 -12.28 4.46 -5.38
N LEU C 136 -11.98 5.40 -6.28
CA LEU C 136 -11.74 6.77 -5.89
C LEU C 136 -12.71 7.89 -6.25
N ALA C 137 -13.94 7.61 -6.61
CA ALA C 137 -14.84 8.71 -6.93
C ALA C 137 -16.27 8.31 -6.63
N VAL C 138 -17.13 9.30 -6.42
CA VAL C 138 -18.51 9.01 -6.07
C VAL C 138 -19.55 9.25 -7.15
N VAL C 139 -19.52 10.43 -7.77
CA VAL C 139 -20.52 10.74 -8.80
C VAL C 139 -19.96 11.19 -10.14
N VAL C 140 -20.77 11.00 -11.18
CA VAL C 140 -20.43 11.35 -12.56
C VAL C 140 -19.79 12.72 -12.80
N GLY C 141 -20.32 13.74 -12.13
CA GLY C 141 -19.81 15.09 -12.30
C GLY C 141 -18.40 15.32 -11.80
N ARG C 142 -17.93 14.42 -10.95
CA ARG C 142 -16.58 14.51 -10.41
C ARG C 142 -15.94 13.14 -10.56
N ASN C 143 -15.82 12.66 -11.79
CA ASN C 143 -15.25 11.35 -11.99
C ASN C 143 -13.75 11.34 -12.24
N ILE C 144 -13.08 12.27 -11.56
CA ILE C 144 -11.61 12.44 -11.53
C ILE C 144 -10.64 12.21 -12.67
N ILE C 145 -11.00 11.43 -13.68
CA ILE C 145 -10.02 11.14 -14.73
C ILE C 145 -10.63 11.03 -16.11
N HIS C 146 -9.78 11.07 -17.12
CA HIS C 146 -10.22 10.93 -18.48
C HIS C 146 -9.23 10.09 -19.27
N GLY C 147 -9.76 9.22 -20.13
CA GLY C 147 -8.91 8.37 -20.94
C GLY C 147 -9.46 8.35 -22.35
N SER C 148 -8.61 8.23 -23.36
CA SER C 148 -9.08 8.21 -24.73
C SER C 148 -9.99 7.01 -24.92
N ASP C 149 -11.06 7.17 -25.69
CA ASP C 149 -11.99 6.06 -25.90
C ASP C 149 -11.84 5.31 -27.21
N GLY C 150 -10.82 5.66 -27.99
CA GLY C 150 -10.62 4.97 -29.26
C GLY C 150 -9.29 5.32 -29.87
N PRO C 151 -8.80 4.48 -30.80
CA PRO C 151 -7.50 4.73 -31.44
C PRO C 151 -7.38 6.10 -32.12
N GLU C 152 -8.48 6.61 -32.67
CA GLU C 152 -8.42 7.89 -33.35
C GLU C 152 -8.43 9.07 -32.40
N THR C 153 -9.38 9.07 -31.46
CA THR C 153 -9.47 10.14 -30.48
C THR C 153 -8.18 10.18 -29.66
N ALA C 154 -7.59 9.00 -29.47
CA ALA C 154 -6.34 8.90 -28.76
C ALA C 154 -5.29 9.75 -29.46
N LYS C 155 -5.15 9.54 -30.77
CA LYS C 155 -4.18 10.29 -31.57
C LYS C 155 -4.48 11.78 -31.52
N ASP C 156 -5.74 12.14 -31.73
CA ASP C 156 -6.11 13.56 -31.71
C ASP C 156 -5.81 14.15 -30.36
N GLU C 157 -6.31 13.51 -29.31
CA GLU C 157 -6.07 14.00 -27.96
C GLU C 157 -4.59 14.19 -27.62
N ILE C 158 -3.73 13.28 -28.09
CA ILE C 158 -2.30 13.41 -27.82
C ILE C 158 -1.75 14.61 -28.59
N LYS C 159 -2.16 14.71 -29.84
CA LYS C 159 -1.74 15.79 -30.72
C LYS C 159 -2.16 17.13 -30.14
N LEU C 160 -3.30 17.16 -29.47
CA LEU C 160 -3.81 18.39 -28.88
C LEU C 160 -3.17 18.81 -27.55
N TRP C 161 -2.82 17.85 -26.69
CA TRP C 161 -2.23 18.22 -25.39
C TRP C 161 -0.71 18.20 -25.36
N PHE C 162 -0.08 17.61 -26.36
CA PHE C 162 1.37 17.56 -26.36
C PHE C 162 2.04 17.95 -27.66
N LYS C 163 3.13 18.69 -27.55
CA LYS C 163 3.93 19.06 -28.71
C LYS C 163 4.83 17.85 -28.80
N PRO C 164 5.07 17.34 -30.01
CA PRO C 164 5.95 16.15 -30.13
C PRO C 164 7.25 16.19 -29.32
N GLU C 165 7.78 17.39 -29.07
CA GLU C 165 9.04 17.53 -28.32
C GLU C 165 8.93 17.04 -26.88
N GLU C 166 7.73 17.13 -26.33
CA GLU C 166 7.47 16.73 -24.95
C GLU C 166 7.31 15.21 -24.80
N LEU C 167 7.10 14.51 -25.91
CA LEU C 167 6.94 13.06 -25.86
C LEU C 167 8.30 12.38 -25.91
N VAL C 168 8.44 11.21 -25.32
CA VAL C 168 9.73 10.52 -25.33
C VAL C 168 9.65 9.14 -25.98
N SER C 169 10.82 8.62 -26.33
CA SER C 169 10.91 7.30 -26.93
C SER C 169 12.13 6.60 -26.36
N PHE C 170 11.90 5.51 -25.66
CA PHE C 170 12.98 4.73 -25.06
C PHE C 170 12.44 3.34 -24.84
N THR C 171 13.32 2.40 -24.60
CA THR C 171 12.88 1.04 -24.35
C THR C 171 13.04 0.74 -22.88
N SER C 172 11.94 0.41 -22.21
CA SER C 172 12.03 0.14 -20.79
C SER C 172 12.84 -1.13 -20.61
N ASN C 173 13.56 -1.21 -19.50
CA ASN C 173 14.37 -2.37 -19.19
C ASN C 173 13.43 -3.58 -19.08
N SER C 174 12.27 -3.34 -18.49
CA SER C 174 11.26 -4.38 -18.28
C SER C 174 10.57 -4.88 -19.54
N GLU C 175 10.86 -4.25 -20.67
CA GLU C 175 10.23 -4.64 -21.92
C GLU C 175 10.45 -6.11 -22.33
N LYS C 176 11.67 -6.61 -22.15
CA LYS C 176 11.98 -8.00 -22.49
C LYS C 176 11.04 -8.96 -21.79
N TRP C 177 10.65 -8.61 -20.57
CA TRP C 177 9.79 -9.47 -19.78
C TRP C 177 8.31 -9.11 -19.82
N ILE C 178 7.97 -7.97 -20.37
CA ILE C 178 6.57 -7.60 -20.44
C ILE C 178 5.96 -8.10 -21.73
N TYR C 179 6.76 -8.13 -22.80
CA TYR C 179 6.25 -8.55 -24.10
C TYR C 179 6.87 -9.78 -24.74
N GLY C 180 8.18 -9.94 -24.62
CA GLY C 180 8.89 -11.07 -25.19
C GLY C 180 8.30 -11.71 -26.45
N ALA D 30 6.52 31.94 2.29
CA ALA D 30 7.05 30.87 3.19
C ALA D 30 6.59 29.49 2.72
N GLU D 31 5.31 29.43 2.34
CA GLU D 31 4.67 28.21 1.86
C GLU D 31 4.66 28.19 0.33
N LEU D 32 5.47 29.08 -0.25
CA LEU D 32 5.62 29.17 -1.70
C LEU D 32 7.02 28.72 -2.09
N GLU D 33 7.75 28.16 -1.12
CA GLU D 33 9.09 27.65 -1.36
C GLU D 33 8.99 26.49 -2.34
N ARG D 34 9.90 26.45 -3.30
CA ARG D 34 9.88 25.39 -4.29
C ARG D 34 11.23 24.72 -4.37
N THR D 35 11.24 23.45 -4.73
CA THR D 35 12.49 22.72 -4.85
C THR D 35 12.39 21.92 -6.12
N PHE D 36 13.52 21.45 -6.62
CA PHE D 36 13.54 20.66 -7.84
C PHE D 36 13.81 19.19 -7.51
N ILE D 37 12.93 18.32 -8.00
CA ILE D 37 13.11 16.90 -7.75
C ILE D 37 13.09 16.19 -9.07
N ALA D 38 14.07 15.31 -9.27
CA ALA D 38 14.14 14.57 -10.52
C ALA D 38 14.37 13.11 -10.27
N ILE D 39 13.60 12.28 -10.97
CA ILE D 39 13.76 10.85 -10.85
C ILE D 39 14.76 10.47 -11.94
N LYS D 40 15.93 9.99 -11.52
CA LYS D 40 16.97 9.59 -12.46
C LYS D 40 16.57 8.38 -13.30
N PRO D 41 17.21 8.20 -14.47
CA PRO D 41 16.93 7.09 -15.38
C PRO D 41 16.77 5.73 -14.70
N ASP D 42 17.64 5.45 -13.73
CA ASP D 42 17.56 4.18 -13.03
C ASP D 42 16.26 4.13 -12.23
N GLY D 43 15.83 5.28 -11.72
CA GLY D 43 14.58 5.32 -10.99
C GLY D 43 13.42 5.02 -11.91
N VAL D 44 13.35 5.75 -13.02
CA VAL D 44 12.28 5.55 -13.99
C VAL D 44 12.30 4.13 -14.53
N GLN D 45 13.48 3.67 -14.92
CA GLN D 45 13.62 2.34 -15.47
C GLN D 45 13.16 1.27 -14.50
N ARG D 46 13.24 1.56 -13.20
CA ARG D 46 12.80 0.59 -12.20
C ARG D 46 11.38 0.86 -11.72
N GLY D 47 10.60 1.57 -12.54
CA GLY D 47 9.22 1.87 -12.23
C GLY D 47 8.88 2.39 -10.84
N LEU D 48 9.62 3.38 -10.38
CA LEU D 48 9.42 3.95 -9.06
C LEU D 48 8.71 5.31 -9.13
N ILE D 49 8.14 5.63 -10.29
CA ILE D 49 7.48 6.92 -10.45
C ILE D 49 6.35 7.13 -9.46
N SER D 50 5.40 6.22 -9.42
CA SER D 50 4.30 6.37 -8.50
C SER D 50 4.80 6.44 -7.06
N GLU D 51 5.61 5.46 -6.67
CA GLU D 51 6.14 5.39 -5.32
C GLU D 51 6.80 6.70 -4.86
N ILE D 52 7.72 7.20 -5.67
CA ILE D 52 8.39 8.43 -5.31
C ILE D 52 7.39 9.58 -5.19
N ILE D 53 6.61 9.81 -6.24
CA ILE D 53 5.67 10.91 -6.19
C ILE D 53 4.77 10.83 -4.96
N SER D 54 4.41 9.64 -4.53
CA SER D 54 3.51 9.53 -3.39
C SER D 54 4.15 10.06 -2.13
N ARG D 55 5.43 9.77 -1.93
CA ARG D 55 6.11 10.26 -0.72
C ARG D 55 5.94 11.77 -0.62
N PHE D 56 5.98 12.47 -1.76
CA PHE D 56 5.81 13.92 -1.77
C PHE D 56 4.36 14.36 -1.70
N GLU D 57 3.52 13.80 -2.57
CA GLU D 57 2.11 14.16 -2.60
C GLU D 57 1.44 14.01 -1.22
N ARG D 58 1.54 12.82 -0.63
CA ARG D 58 0.90 12.54 0.66
C ARG D 58 1.38 13.39 1.83
N LYS D 59 2.55 13.98 1.70
CA LYS D 59 3.11 14.82 2.76
C LYS D 59 2.32 16.13 2.86
N GLY D 60 1.89 16.65 1.71
CA GLY D 60 1.17 17.89 1.67
C GLY D 60 1.73 18.87 0.64
N PHE D 61 2.92 18.60 0.12
CA PHE D 61 3.55 19.46 -0.89
C PHE D 61 2.76 19.37 -2.18
N LYS D 62 2.84 20.38 -3.05
CA LYS D 62 2.09 20.29 -4.29
C LYS D 62 2.92 20.32 -5.56
N LEU D 63 2.54 19.44 -6.49
CA LEU D 63 3.21 19.30 -7.76
C LEU D 63 2.85 20.51 -8.63
N VAL D 64 3.81 21.40 -8.83
CA VAL D 64 3.55 22.59 -9.63
C VAL D 64 4.25 22.54 -10.98
N GLY D 65 5.05 21.51 -11.19
CA GLY D 65 5.77 21.37 -12.45
C GLY D 65 6.26 19.95 -12.67
N ILE D 66 5.96 19.39 -13.84
CA ILE D 66 6.40 18.02 -14.12
C ILE D 66 6.49 17.77 -15.62
N LYS D 67 7.49 16.97 -16.00
CA LYS D 67 7.69 16.61 -17.41
C LYS D 67 8.59 15.39 -17.47
N VAL D 68 8.60 14.73 -18.62
CA VAL D 68 9.47 13.58 -18.81
C VAL D 68 10.37 13.99 -19.98
N LEU D 69 11.64 13.63 -19.92
CA LEU D 69 12.56 14.00 -20.99
C LEU D 69 13.85 13.19 -20.91
N ILE D 70 14.53 13.10 -22.04
CA ILE D 70 15.80 12.38 -22.09
C ILE D 70 16.88 13.44 -22.25
N PRO D 71 17.51 13.84 -21.14
CA PRO D 71 18.57 14.85 -21.14
C PRO D 71 19.65 14.56 -22.17
N THR D 72 20.08 15.62 -22.85
CA THR D 72 21.16 15.49 -23.83
C THR D 72 22.45 15.43 -23.00
N LYS D 73 23.47 14.74 -23.52
CA LYS D 73 24.75 14.64 -22.82
C LYS D 73 25.19 16.02 -22.33
N GLN D 74 24.98 17.03 -23.18
CA GLN D 74 25.34 18.41 -22.85
C GLN D 74 24.50 18.95 -21.70
N PHE D 75 23.19 18.89 -21.86
CA PHE D 75 22.27 19.38 -20.84
C PHE D 75 22.70 18.84 -19.48
N ALA D 76 23.00 17.54 -19.44
CA ALA D 76 23.44 16.88 -18.22
C ALA D 76 24.59 17.62 -17.57
N GLN D 77 25.47 18.17 -18.41
CA GLN D 77 26.65 18.88 -17.94
C GLN D 77 26.40 20.25 -17.31
N GLN D 78 25.38 20.96 -17.76
CA GLN D 78 25.11 22.25 -17.14
C GLN D 78 24.23 22.09 -15.91
N HIS D 79 23.88 20.84 -15.60
CA HIS D 79 23.08 20.54 -14.41
C HIS D 79 24.09 20.21 -13.33
N TYR D 80 25.01 19.31 -13.67
CA TYR D 80 26.06 18.87 -12.77
C TYR D 80 27.28 19.78 -12.92
N HIS D 81 27.06 21.00 -13.38
CA HIS D 81 28.16 21.95 -13.61
C HIS D 81 29.05 22.23 -12.40
N ASP D 82 28.48 22.32 -11.21
CA ASP D 82 29.29 22.59 -10.01
C ASP D 82 30.24 21.42 -9.73
N LEU D 83 30.13 20.36 -10.52
CA LEU D 83 30.96 19.18 -10.34
C LEU D 83 31.84 18.91 -11.55
N LYS D 84 31.89 19.86 -12.49
CA LYS D 84 32.71 19.69 -13.69
C LYS D 84 34.17 19.51 -13.35
N GLU D 85 34.51 19.76 -12.08
CA GLU D 85 35.89 19.63 -11.61
C GLU D 85 36.22 18.20 -11.18
N ARG D 86 35.22 17.49 -10.66
CA ARG D 86 35.39 16.13 -10.18
C ARG D 86 35.71 15.10 -11.26
N PRO D 87 36.23 13.92 -10.86
CA PRO D 87 36.60 12.81 -11.74
C PRO D 87 35.42 11.88 -12.10
N PHE D 88 34.21 12.32 -11.77
CA PHE D 88 33.02 11.53 -12.07
C PHE D 88 31.98 12.36 -12.78
N PHE D 89 32.30 13.64 -12.97
CA PHE D 89 31.41 14.58 -13.65
C PHE D 89 30.97 14.01 -14.99
N ASN D 90 31.94 13.50 -15.73
CA ASN D 90 31.68 12.92 -17.04
C ASN D 90 30.80 11.67 -16.88
N GLY D 91 31.17 10.81 -15.95
CA GLY D 91 30.39 9.60 -15.71
C GLY D 91 28.95 9.95 -15.39
N LEU D 92 28.78 10.92 -14.49
CA LEU D 92 27.46 11.40 -14.08
C LEU D 92 26.66 11.88 -15.28
N CYS D 93 27.27 12.75 -16.08
CA CYS D 93 26.59 13.31 -17.23
C CYS D 93 26.13 12.28 -18.26
N ASP D 94 26.92 11.24 -18.47
CA ASP D 94 26.53 10.22 -19.43
C ASP D 94 25.29 9.50 -18.92
N PHE D 95 25.31 9.16 -17.63
CA PHE D 95 24.22 8.46 -16.98
C PHE D 95 22.92 9.27 -16.97
N LEU D 96 22.99 10.54 -16.57
CA LEU D 96 21.79 11.37 -16.51
C LEU D 96 21.18 11.57 -17.89
N SER D 97 21.76 10.93 -18.90
CA SER D 97 21.25 11.04 -20.26
C SER D 97 21.11 9.67 -20.92
N SER D 98 21.34 8.63 -20.14
CA SER D 98 21.23 7.25 -20.63
C SER D 98 19.79 6.77 -20.74
N GLY D 99 18.84 7.61 -20.31
CA GLY D 99 17.44 7.22 -20.37
C GLY D 99 16.49 8.33 -19.96
N PRO D 100 15.18 8.04 -19.91
CA PRO D 100 14.19 9.06 -19.52
C PRO D 100 14.37 9.55 -18.10
N VAL D 101 13.88 10.75 -17.85
CA VAL D 101 13.96 11.36 -16.53
C VAL D 101 12.67 12.07 -16.18
N ILE D 102 12.20 11.90 -14.95
CA ILE D 102 10.98 12.59 -14.54
C ILE D 102 11.45 13.82 -13.77
N ALA D 103 11.28 14.98 -14.38
CA ALA D 103 11.70 16.23 -13.74
C ALA D 103 10.48 16.81 -13.04
N MET D 104 10.68 17.34 -11.84
CA MET D 104 9.56 17.89 -11.08
C MET D 104 9.89 19.12 -10.23
N VAL D 105 8.85 19.87 -9.91
CA VAL D 105 8.98 21.04 -9.06
C VAL D 105 7.89 20.94 -8.00
N TRP D 106 8.32 20.85 -6.75
CA TRP D 106 7.38 20.76 -5.63
C TRP D 106 7.38 22.01 -4.77
N GLU D 107 6.19 22.42 -4.36
CA GLU D 107 6.01 23.62 -3.57
C GLU D 107 5.42 23.33 -2.20
N GLY D 108 5.95 24.03 -1.20
CA GLY D 108 5.46 23.85 0.14
C GLY D 108 6.48 24.39 1.11
N GLU D 109 6.06 24.70 2.34
CA GLU D 109 6.97 25.23 3.31
C GLU D 109 8.08 24.27 3.73
N GLY D 110 9.33 24.70 3.58
CA GLY D 110 10.47 23.89 3.95
C GLY D 110 10.65 22.70 3.03
N VAL D 111 9.97 22.72 1.89
CA VAL D 111 10.04 21.63 0.94
C VAL D 111 11.47 21.29 0.51
N ILE D 112 12.30 22.30 0.26
CA ILE D 112 13.67 22.05 -0.15
C ILE D 112 14.37 21.19 0.88
N THR D 113 14.29 21.60 2.14
CA THR D 113 14.94 20.83 3.19
C THR D 113 14.28 19.48 3.45
N TYR D 114 12.96 19.45 3.59
CA TYR D 114 12.32 18.16 3.84
C TYR D 114 12.46 17.26 2.62
N GLY D 115 12.51 17.86 1.44
CA GLY D 115 12.66 17.08 0.24
C GLY D 115 13.91 16.23 0.37
N ARG D 116 14.95 16.81 0.96
CA ARG D 116 16.18 16.08 1.12
C ARG D 116 16.03 14.99 2.18
N LYS D 117 15.35 15.29 3.28
CA LYS D 117 15.14 14.31 4.34
C LYS D 117 14.41 13.10 3.75
N LEU D 118 13.45 13.39 2.87
CA LEU D 118 12.65 12.37 2.21
C LEU D 118 13.55 11.50 1.36
N ILE D 119 14.46 12.14 0.63
CA ILE D 119 15.37 11.39 -0.23
C ILE D 119 16.38 10.55 0.55
N GLY D 120 16.88 11.10 1.65
CA GLY D 120 17.85 10.36 2.45
C GLY D 120 19.28 10.61 2.02
N ALA D 121 20.22 9.98 2.72
CA ALA D 121 21.64 10.13 2.43
C ALA D 121 21.98 9.94 0.95
N THR D 122 23.08 10.52 0.52
CA THR D 122 23.49 10.38 -0.86
C THR D 122 23.70 8.90 -1.17
N ASP D 123 24.30 8.21 -0.21
CA ASP D 123 24.58 6.79 -0.32
C ASP D 123 23.42 5.97 0.27
N PRO D 124 22.73 5.20 -0.56
CA PRO D 124 21.60 4.38 -0.08
C PRO D 124 21.99 3.58 1.15
N GLN D 125 23.15 2.93 1.10
CA GLN D 125 23.68 2.12 2.19
C GLN D 125 23.64 2.85 3.53
N LYS D 126 23.69 4.18 3.47
CA LYS D 126 23.70 4.98 4.67
C LYS D 126 22.41 5.72 4.94
N SER D 127 21.39 5.44 4.14
CA SER D 127 20.09 6.08 4.33
C SER D 127 19.24 5.25 5.26
N ALA D 128 18.35 5.91 5.98
CA ALA D 128 17.49 5.23 6.93
C ALA D 128 16.24 4.64 6.31
N PRO D 129 15.82 3.47 6.78
CA PRO D 129 14.60 2.87 6.23
C PRO D 129 13.53 3.94 6.44
N GLY D 130 12.77 4.20 5.39
CA GLY D 130 11.74 5.22 5.48
C GLY D 130 12.03 6.31 4.46
N THR D 131 13.28 6.40 4.05
CA THR D 131 13.68 7.38 3.04
C THR D 131 13.64 6.70 1.68
N ILE D 132 13.42 7.51 0.64
CA ILE D 132 13.35 7.00 -0.72
C ILE D 132 14.55 6.15 -1.12
N ARG D 133 15.77 6.63 -0.87
CA ARG D 133 16.95 5.87 -1.24
C ARG D 133 17.19 4.68 -0.33
N GLY D 134 16.89 4.85 0.96
CA GLY D 134 17.05 3.77 1.90
C GLY D 134 16.12 2.61 1.58
N ASP D 135 14.96 2.90 1.00
CA ASP D 135 13.99 1.86 0.66
C ASP D 135 14.10 1.28 -0.74
N LEU D 136 14.37 2.15 -1.72
CA LEU D 136 14.39 1.72 -3.12
C LEU D 136 15.70 1.64 -3.88
N ALA D 137 16.82 1.97 -3.24
CA ALA D 137 18.10 1.91 -3.93
C ALA D 137 19.15 1.17 -3.10
N VAL D 138 20.23 0.76 -3.76
CA VAL D 138 21.27 0.02 -3.06
C VAL D 138 22.64 0.70 -2.99
N VAL D 139 23.11 1.23 -4.12
CA VAL D 139 24.42 1.87 -4.15
C VAL D 139 24.40 3.32 -4.61
N VAL D 140 25.47 4.04 -4.28
CA VAL D 140 25.60 5.44 -4.63
C VAL D 140 25.49 5.71 -6.11
N GLY D 141 26.14 4.87 -6.91
CA GLY D 141 26.11 5.05 -8.34
C GLY D 141 24.73 5.01 -8.96
N ARG D 142 23.79 4.40 -8.26
CA ARG D 142 22.42 4.29 -8.74
C ARG D 142 21.46 4.68 -7.63
N ASN D 143 21.57 5.92 -7.18
CA ASN D 143 20.70 6.39 -6.12
C ASN D 143 19.38 7.00 -6.60
N ILE D 144 18.89 6.44 -7.69
CA ILE D 144 17.59 6.76 -8.31
C ILE D 144 16.93 8.14 -8.32
N ILE D 145 17.41 9.09 -7.53
CA ILE D 145 16.73 10.38 -7.48
C ILE D 145 17.64 11.55 -7.17
N HIS D 146 17.15 12.76 -7.44
CA HIS D 146 17.91 13.96 -7.15
C HIS D 146 16.99 15.04 -6.61
N GLY D 147 17.49 15.80 -5.65
CA GLY D 147 16.71 16.88 -5.07
C GLY D 147 17.60 18.07 -4.77
N SER D 148 17.14 19.27 -5.11
CA SER D 148 17.94 20.46 -4.86
C SER D 148 18.41 20.44 -3.42
N ASP D 149 19.67 20.84 -3.20
CA ASP D 149 20.23 20.84 -1.85
C ASP D 149 20.17 22.18 -1.12
N GLY D 150 19.65 23.21 -1.78
CA GLY D 150 19.59 24.51 -1.14
C GLY D 150 18.71 25.48 -1.89
N PRO D 151 18.35 26.62 -1.25
CA PRO D 151 17.51 27.67 -1.81
C PRO D 151 18.01 28.18 -3.15
N GLU D 152 19.34 28.31 -3.27
CA GLU D 152 19.96 28.82 -4.49
C GLU D 152 19.96 27.78 -5.60
N THR D 153 20.61 26.65 -5.34
CA THR D 153 20.65 25.57 -6.33
C THR D 153 19.23 25.24 -6.78
N ALA D 154 18.28 25.42 -5.87
CA ALA D 154 16.88 25.16 -6.19
C ALA D 154 16.47 26.13 -7.28
N LYS D 155 16.56 27.42 -6.97
CA LYS D 155 16.20 28.48 -7.91
C LYS D 155 16.80 28.25 -9.28
N ASP D 156 18.09 27.93 -9.32
CA ASP D 156 18.76 27.70 -10.58
C ASP D 156 18.21 26.46 -11.25
N GLU D 157 18.26 25.34 -10.53
CA GLU D 157 17.78 24.08 -11.05
C GLU D 157 16.37 24.19 -11.62
N ILE D 158 15.48 24.87 -10.93
CA ILE D 158 14.14 25.01 -11.46
C ILE D 158 14.19 25.76 -12.79
N LYS D 159 14.93 26.85 -12.84
CA LYS D 159 15.04 27.63 -14.08
C LYS D 159 15.73 26.87 -15.20
N LEU D 160 16.65 25.98 -14.84
CA LEU D 160 17.37 25.20 -15.82
C LEU D 160 16.52 24.10 -16.47
N TRP D 161 15.53 23.59 -15.74
CA TRP D 161 14.69 22.51 -16.27
C TRP D 161 13.28 22.90 -16.70
N PHE D 162 12.79 24.05 -16.27
CA PHE D 162 11.44 24.41 -16.66
C PHE D 162 11.27 25.82 -17.17
N LYS D 163 10.46 25.95 -18.22
CA LYS D 163 10.16 27.25 -18.78
C LYS D 163 9.08 27.74 -17.82
N PRO D 164 9.05 29.04 -17.51
CA PRO D 164 8.02 29.53 -16.60
C PRO D 164 6.56 29.17 -16.93
N GLU D 165 6.27 28.85 -18.19
CA GLU D 165 4.89 28.48 -18.55
C GLU D 165 4.59 27.09 -18.01
N GLU D 166 5.58 26.21 -18.08
CA GLU D 166 5.43 24.84 -17.62
C GLU D 166 5.01 24.75 -16.15
N LEU D 167 5.31 25.78 -15.37
CA LEU D 167 4.93 25.78 -13.95
C LEU D 167 3.51 26.31 -13.77
N VAL D 168 2.82 25.86 -12.72
CA VAL D 168 1.45 26.32 -12.46
C VAL D 168 1.32 26.97 -11.10
N SER D 169 0.28 27.80 -10.98
CA SER D 169 -0.01 28.50 -9.73
C SER D 169 -1.49 28.37 -9.38
N PHE D 170 -1.75 27.67 -8.28
CA PHE D 170 -3.12 27.45 -7.82
C PHE D 170 -3.00 27.14 -6.34
N THR D 171 -4.08 27.39 -5.59
CA THR D 171 -4.05 27.09 -4.18
C THR D 171 -4.84 25.79 -3.97
N SER D 172 -4.14 24.74 -3.51
CA SER D 172 -4.80 23.45 -3.31
C SER D 172 -5.91 23.52 -2.29
N ASN D 173 -6.94 22.71 -2.53
CA ASN D 173 -8.09 22.65 -1.66
C ASN D 173 -7.66 22.33 -0.22
N SER D 174 -6.63 21.51 -0.10
CA SER D 174 -6.12 21.10 1.20
C SER D 174 -5.17 22.11 1.85
N GLU D 175 -5.01 23.27 1.24
CA GLU D 175 -4.11 24.28 1.81
C GLU D 175 -4.58 24.82 3.15
N LYS D 176 -5.88 25.07 3.25
CA LYS D 176 -6.45 25.59 4.48
C LYS D 176 -6.25 24.66 5.67
N TRP D 177 -6.12 23.36 5.40
CA TRP D 177 -5.92 22.41 6.49
C TRP D 177 -4.47 21.98 6.67
N ILE D 178 -3.61 22.33 5.71
CA ILE D 178 -2.21 21.97 5.82
C ILE D 178 -1.47 23.09 6.54
N TYR D 179 -1.87 24.33 6.27
CA TYR D 179 -1.26 25.50 6.88
C TYR D 179 -2.26 26.33 7.72
N ALA E 30 -29.51 13.90 -1.18
CA ALA E 30 -28.90 12.73 -1.91
C ALA E 30 -27.50 12.42 -1.41
N GLU E 31 -26.69 13.47 -1.27
CA GLU E 31 -25.30 13.35 -0.78
C GLU E 31 -25.29 13.23 0.74
N LEU E 32 -26.48 13.09 1.32
CA LEU E 32 -26.63 12.98 2.76
C LEU E 32 -27.01 11.56 3.17
N GLU E 33 -27.14 10.68 2.18
CA GLU E 33 -27.49 9.29 2.47
C GLU E 33 -26.48 8.71 3.45
N ARG E 34 -26.91 7.78 4.28
CA ARG E 34 -26.02 7.17 5.24
C ARG E 34 -26.30 5.69 5.34
N THR E 35 -25.25 4.92 5.56
CA THR E 35 -25.40 3.48 5.67
C THR E 35 -24.66 3.02 6.90
N PHE E 36 -24.97 1.81 7.35
CA PHE E 36 -24.33 1.24 8.51
C PHE E 36 -23.36 0.17 8.07
N ILE E 37 -22.12 0.29 8.51
CA ILE E 37 -21.10 -0.71 8.17
C ILE E 37 -20.53 -1.18 9.50
N ALA E 38 -20.36 -2.49 9.62
CA ALA E 38 -19.82 -3.05 10.85
C ALA E 38 -18.78 -4.09 10.54
N ILE E 39 -17.64 -3.98 11.19
CA ILE E 39 -16.61 -4.97 11.00
C ILE E 39 -16.90 -5.98 12.09
N LYS E 40 -17.35 -7.17 11.69
CA LYS E 40 -17.69 -8.20 12.65
C LYS E 40 -16.45 -8.68 13.38
N PRO E 41 -16.63 -9.49 14.44
CA PRO E 41 -15.51 -10.01 15.22
C PRO E 41 -14.36 -10.62 14.42
N ASP E 42 -14.68 -11.44 13.43
CA ASP E 42 -13.59 -12.05 12.65
C ASP E 42 -12.76 -10.99 11.98
N GLY E 43 -13.41 -9.97 11.42
CA GLY E 43 -12.69 -8.90 10.78
C GLY E 43 -11.76 -8.21 11.77
N VAL E 44 -12.30 -7.88 12.95
CA VAL E 44 -11.49 -7.20 13.95
C VAL E 44 -10.38 -8.09 14.47
N GLN E 45 -10.69 -9.36 14.72
CA GLN E 45 -9.69 -10.29 15.22
C GLN E 45 -8.63 -10.61 14.19
N ARG E 46 -8.85 -10.20 12.95
CA ARG E 46 -7.88 -10.44 11.90
C ARG E 46 -7.18 -9.15 11.50
N GLY E 47 -7.42 -8.10 12.26
CA GLY E 47 -6.79 -6.82 12.03
C GLY E 47 -7.07 -6.16 10.69
N LEU E 48 -8.34 -6.18 10.28
CA LEU E 48 -8.74 -5.57 9.02
C LEU E 48 -9.37 -4.19 9.17
N ILE E 49 -9.27 -3.59 10.36
CA ILE E 49 -9.88 -2.28 10.58
C ILE E 49 -9.40 -1.20 9.62
N SER E 50 -8.11 -0.90 9.68
CA SER E 50 -7.54 0.13 8.81
C SER E 50 -7.85 -0.18 7.34
N GLU E 51 -7.65 -1.43 6.94
CA GLU E 51 -7.91 -1.83 5.56
C GLU E 51 -9.36 -1.59 5.14
N ILE E 52 -10.31 -2.08 5.94
CA ILE E 52 -11.71 -1.90 5.59
C ILE E 52 -12.07 -0.40 5.56
N ILE E 53 -11.63 0.33 6.58
CA ILE E 53 -11.93 1.75 6.63
C ILE E 53 -11.39 2.48 5.41
N SER E 54 -10.21 2.12 4.95
CA SER E 54 -9.62 2.81 3.81
C SER E 54 -10.45 2.70 2.53
N ARG E 55 -11.14 1.58 2.34
CA ARG E 55 -11.92 1.40 1.12
C ARG E 55 -13.05 2.43 1.07
N PHE E 56 -13.60 2.77 2.23
CA PHE E 56 -14.68 3.77 2.26
C PHE E 56 -14.09 5.19 2.28
N GLU E 57 -13.04 5.39 3.05
CA GLU E 57 -12.43 6.73 3.14
C GLU E 57 -11.89 7.20 1.79
N ARG E 58 -11.07 6.38 1.14
CA ARG E 58 -10.48 6.75 -0.14
C ARG E 58 -11.49 6.87 -1.27
N LYS E 59 -12.70 6.37 -1.06
CA LYS E 59 -13.72 6.46 -2.10
C LYS E 59 -14.26 7.87 -2.14
N GLY E 60 -14.30 8.52 -0.98
CA GLY E 60 -14.81 9.87 -0.89
C GLY E 60 -15.95 9.99 0.10
N PHE E 61 -16.40 8.84 0.63
CA PHE E 61 -17.48 8.84 1.61
C PHE E 61 -16.93 9.40 2.92
N LYS E 62 -17.81 9.84 3.82
CA LYS E 62 -17.31 10.38 5.07
C LYS E 62 -17.84 9.70 6.32
N LEU E 63 -16.92 9.50 7.27
CA LEU E 63 -17.20 8.85 8.53
C LEU E 63 -17.94 9.80 9.46
N VAL E 64 -19.23 9.56 9.65
CA VAL E 64 -20.01 10.42 10.51
C VAL E 64 -20.33 9.78 11.85
N GLY E 65 -19.82 8.56 12.06
CA GLY E 65 -20.06 7.86 13.31
C GLY E 65 -19.27 6.57 13.41
N ILE E 66 -18.65 6.31 14.57
CA ILE E 66 -17.86 5.11 14.74
C ILE E 66 -17.70 4.82 16.23
N LYS E 67 -17.53 3.54 16.57
CA LYS E 67 -17.35 3.12 17.96
C LYS E 67 -16.95 1.65 17.99
N VAL E 68 -16.34 1.23 19.09
CA VAL E 68 -15.95 -0.17 19.25
C VAL E 68 -16.82 -0.68 20.39
N LEU E 69 -17.17 -1.95 20.37
CA LEU E 69 -18.00 -2.51 21.42
C LEU E 69 -18.19 -4.01 21.24
N ILE E 70 -18.69 -4.67 22.28
CA ILE E 70 -18.93 -6.09 22.23
C ILE E 70 -20.43 -6.32 22.40
N PRO E 71 -21.13 -6.56 21.28
CA PRO E 71 -22.58 -6.79 21.35
C PRO E 71 -22.94 -7.88 22.34
N THR E 72 -24.07 -7.70 23.03
CA THR E 72 -24.55 -8.72 23.96
C THR E 72 -25.38 -9.66 23.09
N LYS E 73 -25.47 -10.94 23.44
CA LYS E 73 -26.26 -11.83 22.59
C LYS E 73 -27.65 -11.22 22.38
N GLN E 74 -28.13 -10.50 23.38
CA GLN E 74 -29.43 -9.84 23.30
C GLN E 74 -29.42 -8.89 22.12
N PHE E 75 -28.59 -7.86 22.23
CA PHE E 75 -28.44 -6.85 21.19
C PHE E 75 -28.31 -7.50 19.81
N ALA E 76 -27.49 -8.54 19.72
CA ALA E 76 -27.27 -9.24 18.46
C ALA E 76 -28.58 -9.71 17.86
N GLN E 77 -29.45 -10.27 18.70
CA GLN E 77 -30.73 -10.77 18.26
C GLN E 77 -31.60 -9.62 17.79
N GLN E 78 -31.44 -8.46 18.41
CA GLN E 78 -32.20 -7.30 17.99
C GLN E 78 -31.77 -6.89 16.59
N HIS E 79 -30.45 -6.88 16.34
CA HIS E 79 -29.92 -6.53 15.04
C HIS E 79 -30.37 -7.52 13.96
N TYR E 80 -30.43 -8.80 14.33
CA TYR E 80 -30.84 -9.86 13.40
C TYR E 80 -32.30 -10.25 13.54
N HIS E 81 -33.10 -9.41 14.21
CA HIS E 81 -34.52 -9.67 14.44
C HIS E 81 -35.23 -10.27 13.22
N ASP E 82 -34.74 -9.92 12.04
CA ASP E 82 -35.33 -10.39 10.79
C ASP E 82 -35.16 -11.89 10.58
N LEU E 83 -34.10 -12.45 11.17
CA LEU E 83 -33.80 -13.87 11.01
C LEU E 83 -34.08 -14.70 12.26
N LYS E 84 -34.87 -14.15 13.18
CA LYS E 84 -35.17 -14.83 14.43
C LYS E 84 -35.66 -16.28 14.34
N GLU E 85 -36.34 -16.64 13.25
CA GLU E 85 -36.81 -18.01 13.13
C GLU E 85 -36.14 -18.79 12.00
N ARG E 86 -34.81 -18.70 11.95
CA ARG E 86 -34.02 -19.40 10.94
C ARG E 86 -33.02 -20.25 11.69
N PRO E 87 -32.60 -21.37 11.11
CA PRO E 87 -31.64 -22.26 11.76
C PRO E 87 -30.39 -21.55 12.30
N PHE E 88 -29.73 -20.80 11.43
CA PHE E 88 -28.50 -20.08 11.76
C PHE E 88 -28.64 -18.86 12.69
N PHE E 89 -29.86 -18.41 12.95
CA PHE E 89 -30.07 -17.25 13.80
C PHE E 89 -29.22 -17.27 15.08
N ASN E 90 -29.32 -18.36 15.83
CA ASN E 90 -28.57 -18.45 17.07
C ASN E 90 -27.06 -18.37 16.88
N GLY E 91 -26.57 -18.99 15.80
CA GLY E 91 -25.14 -18.94 15.51
C GLY E 91 -24.69 -17.51 15.27
N LEU E 92 -25.44 -16.81 14.42
CA LEU E 92 -25.15 -15.42 14.09
C LEU E 92 -25.06 -14.55 15.34
N CYS E 93 -26.00 -14.74 16.25
CA CYS E 93 -26.05 -13.97 17.49
C CYS E 93 -24.90 -14.32 18.43
N ASP E 94 -24.58 -15.60 18.51
CA ASP E 94 -23.49 -16.02 19.36
C ASP E 94 -22.18 -15.49 18.78
N PHE E 95 -22.09 -15.49 17.45
CA PHE E 95 -20.87 -15.01 16.81
C PHE E 95 -20.69 -13.51 16.86
N LEU E 96 -21.75 -12.77 16.55
CA LEU E 96 -21.68 -11.30 16.56
C LEU E 96 -21.37 -10.75 17.95
N SER E 97 -21.45 -11.63 18.95
CA SER E 97 -21.18 -11.24 20.34
C SER E 97 -20.00 -12.01 20.90
N SER E 98 -19.24 -12.68 20.03
CA SER E 98 -18.08 -13.45 20.48
C SER E 98 -16.80 -12.63 20.51
N GLY E 99 -16.93 -11.33 20.32
CA GLY E 99 -15.75 -10.48 20.32
C GLY E 99 -16.04 -9.03 19.98
N PRO E 100 -15.01 -8.19 19.91
CA PRO E 100 -15.25 -6.79 19.60
C PRO E 100 -15.74 -6.58 18.16
N VAL E 101 -16.45 -5.46 17.95
CA VAL E 101 -17.01 -5.08 16.66
C VAL E 101 -16.82 -3.58 16.39
N ILE E 102 -16.51 -3.22 15.15
CA ILE E 102 -16.35 -1.81 14.82
C ILE E 102 -17.60 -1.37 14.08
N ALA E 103 -18.42 -0.57 14.77
CA ALA E 103 -19.66 -0.06 14.18
C ALA E 103 -19.38 1.30 13.57
N MET E 104 -19.91 1.52 12.37
CA MET E 104 -19.70 2.78 11.68
C MET E 104 -20.93 3.24 10.90
N VAL E 105 -20.92 4.52 10.53
CA VAL E 105 -21.99 5.10 9.75
C VAL E 105 -21.28 5.95 8.74
N TRP E 106 -21.46 5.64 7.45
CA TRP E 106 -20.81 6.40 6.40
C TRP E 106 -21.84 7.20 5.62
N GLU E 107 -21.48 8.45 5.29
CA GLU E 107 -22.35 9.38 4.57
C GLU E 107 -21.84 9.61 3.16
N GLY E 108 -22.74 9.70 2.19
CA GLY E 108 -22.33 9.92 0.81
C GLY E 108 -23.41 9.54 -0.18
N GLU E 109 -23.34 10.09 -1.39
CA GLU E 109 -24.36 9.78 -2.37
C GLU E 109 -24.30 8.33 -2.82
N GLY E 110 -25.41 7.63 -2.66
CA GLY E 110 -25.47 6.24 -3.07
C GLY E 110 -24.53 5.37 -2.28
N VAL E 111 -24.16 5.83 -1.09
CA VAL E 111 -23.24 5.10 -0.24
C VAL E 111 -23.82 3.75 0.19
N ILE E 112 -25.13 3.67 0.38
CA ILE E 112 -25.74 2.40 0.79
C ILE E 112 -25.48 1.36 -0.28
N THR E 113 -25.90 1.65 -1.51
CA THR E 113 -25.69 0.71 -2.59
C THR E 113 -24.22 0.44 -2.83
N TYR E 114 -23.41 1.48 -2.88
CA TYR E 114 -22.00 1.24 -3.13
C TYR E 114 -21.33 0.52 -1.97
N GLY E 115 -21.81 0.74 -0.75
CA GLY E 115 -21.23 0.08 0.40
C GLY E 115 -21.31 -1.42 0.18
N ARG E 116 -22.35 -1.84 -0.53
CA ARG E 116 -22.53 -3.26 -0.80
C ARG E 116 -21.60 -3.65 -1.93
N LYS E 117 -21.57 -2.86 -3.00
CA LYS E 117 -20.69 -3.17 -4.11
C LYS E 117 -19.27 -3.35 -3.60
N LEU E 118 -18.91 -2.51 -2.62
CA LEU E 118 -17.60 -2.51 -2.00
C LEU E 118 -17.41 -3.78 -1.18
N ILE E 119 -18.45 -4.15 -0.42
CA ILE E 119 -18.39 -5.33 0.42
C ILE E 119 -18.30 -6.64 -0.35
N GLY E 120 -19.00 -6.72 -1.48
CA GLY E 120 -18.95 -7.94 -2.27
C GLY E 120 -20.09 -8.88 -1.92
N ALA E 121 -20.16 -10.00 -2.64
CA ALA E 121 -21.20 -11.02 -2.42
C ALA E 121 -21.22 -11.51 -0.98
N THR E 122 -22.34 -12.09 -0.57
CA THR E 122 -22.45 -12.59 0.79
C THR E 122 -21.38 -13.65 1.03
N ASP E 123 -21.23 -14.56 0.08
CA ASP E 123 -20.23 -15.60 0.21
C ASP E 123 -18.92 -15.13 -0.43
N PRO E 124 -17.84 -15.06 0.36
CA PRO E 124 -16.54 -14.61 -0.17
C PRO E 124 -16.15 -15.34 -1.46
N GLN E 125 -16.38 -16.65 -1.50
CA GLN E 125 -16.01 -17.43 -2.67
C GLN E 125 -16.67 -16.97 -3.97
N LYS E 126 -17.70 -16.16 -3.84
CA LYS E 126 -18.40 -15.67 -5.02
C LYS E 126 -18.25 -14.17 -5.22
N SER E 127 -17.34 -13.55 -4.48
CA SER E 127 -17.09 -12.12 -4.61
C SER E 127 -15.87 -11.93 -5.47
N ALA E 128 -15.87 -10.88 -6.28
CA ALA E 128 -14.76 -10.64 -7.17
C ALA E 128 -13.59 -9.98 -6.49
N PRO E 129 -12.38 -10.32 -6.94
CA PRO E 129 -11.18 -9.72 -6.35
C PRO E 129 -11.45 -8.22 -6.44
N GLY E 130 -10.98 -7.46 -5.47
CA GLY E 130 -11.22 -6.03 -5.49
C GLY E 130 -12.29 -5.63 -4.48
N THR E 131 -13.13 -6.58 -4.10
CA THR E 131 -14.17 -6.30 -3.11
C THR E 131 -13.62 -6.75 -1.76
N ILE E 132 -14.09 -6.13 -0.68
CA ILE E 132 -13.62 -6.48 0.66
C ILE E 132 -13.68 -7.98 0.97
N ARG E 133 -14.85 -8.57 0.84
CA ARG E 133 -14.99 -9.99 1.11
C ARG E 133 -14.16 -10.82 0.14
N GLY E 134 -14.13 -10.41 -1.12
CA GLY E 134 -13.36 -11.13 -2.10
C GLY E 134 -11.88 -11.16 -1.77
N ASP E 135 -11.33 -10.00 -1.40
CA ASP E 135 -9.91 -9.90 -1.08
C ASP E 135 -9.54 -10.43 0.28
N LEU E 136 -10.36 -10.15 1.29
CA LEU E 136 -10.05 -10.50 2.66
C LEU E 136 -10.81 -11.58 3.42
N ALA E 137 -11.52 -12.47 2.75
CA ALA E 137 -12.23 -13.50 3.50
C ALA E 137 -12.37 -14.74 2.65
N VAL E 138 -12.56 -15.88 3.30
CA VAL E 138 -12.65 -17.13 2.57
C VAL E 138 -14.03 -17.76 2.49
N VAL E 139 -14.72 -17.90 3.62
CA VAL E 139 -16.05 -18.52 3.61
C VAL E 139 -17.17 -17.71 4.24
N VAL E 140 -18.38 -18.01 3.81
CA VAL E 140 -19.61 -17.36 4.28
C VAL E 140 -19.75 -17.13 5.79
N GLY E 141 -19.39 -18.15 6.56
CA GLY E 141 -19.50 -18.06 8.00
C GLY E 141 -18.61 -17.05 8.67
N ARG E 142 -17.56 -16.64 7.95
CA ARG E 142 -16.61 -15.67 8.48
C ARG E 142 -16.41 -14.62 7.40
N ASN E 143 -17.49 -13.95 7.00
CA ASN E 143 -17.37 -12.95 5.95
C ASN E 143 -17.10 -11.53 6.44
N ILE E 144 -16.34 -11.46 7.52
CA ILE E 144 -15.84 -10.24 8.16
C ILE E 144 -16.57 -8.90 8.28
N ILE E 145 -17.57 -8.63 7.45
CA ILE E 145 -18.19 -7.31 7.51
C ILE E 145 -19.68 -7.35 7.24
N HIS E 146 -20.36 -6.26 7.57
CA HIS E 146 -21.77 -6.15 7.32
C HIS E 146 -22.11 -4.74 6.85
N GLY E 147 -23.00 -4.64 5.87
CA GLY E 147 -23.41 -3.35 5.37
C GLY E 147 -24.92 -3.36 5.19
N SER E 148 -25.56 -2.21 5.38
CA SER E 148 -27.02 -2.15 5.23
C SER E 148 -27.37 -2.51 3.79
N ASP E 149 -28.47 -3.26 3.61
CA ASP E 149 -28.86 -3.66 2.27
C ASP E 149 -29.97 -2.85 1.63
N GLY E 150 -30.41 -1.78 2.30
CA GLY E 150 -31.46 -0.97 1.74
C GLY E 150 -31.63 0.32 2.51
N PRO E 151 -32.26 1.33 1.91
CA PRO E 151 -32.47 2.62 2.58
C PRO E 151 -33.19 2.54 3.92
N GLU E 152 -34.13 1.59 4.05
CA GLU E 152 -34.86 1.48 5.31
C GLU E 152 -34.08 0.78 6.39
N THR E 153 -33.51 -0.39 6.06
CA THR E 153 -32.72 -1.13 7.03
C THR E 153 -31.54 -0.29 7.47
N ALA E 154 -31.06 0.54 6.55
CA ALA E 154 -29.95 1.43 6.85
C ALA E 154 -30.36 2.34 8.00
N LYS E 155 -31.52 2.98 7.87
CA LYS E 155 -32.02 3.88 8.91
C LYS E 155 -32.22 3.13 10.22
N ASP E 156 -32.87 1.98 10.16
CA ASP E 156 -33.11 1.20 11.37
C ASP E 156 -31.78 0.82 12.01
N GLU E 157 -30.90 0.21 11.22
CA GLU E 157 -29.60 -0.19 11.74
C GLU E 157 -28.82 0.95 12.40
N ILE E 158 -28.89 2.15 11.82
CA ILE E 158 -28.18 3.29 12.41
C ILE E 158 -28.84 3.66 13.73
N LYS E 159 -30.16 3.70 13.72
CA LYS E 159 -30.95 4.05 14.89
C LYS E 159 -30.67 3.05 16.01
N LEU E 160 -30.42 1.79 15.65
CA LEU E 160 -30.15 0.76 16.63
C LEU E 160 -28.73 0.75 17.22
N TRP E 161 -27.71 1.06 16.42
CA TRP E 161 -26.34 1.03 16.93
C TRP E 161 -25.80 2.36 17.41
N PHE E 162 -26.49 3.44 17.08
CA PHE E 162 -26.00 4.75 17.50
C PHE E 162 -27.04 5.67 18.11
N LYS E 163 -26.64 6.37 19.17
CA LYS E 163 -27.51 7.35 19.79
C LYS E 163 -27.19 8.57 18.94
N PRO E 164 -28.19 9.36 18.56
CA PRO E 164 -27.91 10.53 17.73
C PRO E 164 -26.72 11.41 18.19
N GLU E 165 -26.42 11.42 19.48
CA GLU E 165 -25.31 12.24 20.01
C GLU E 165 -23.95 11.80 19.47
N GLU E 166 -23.83 10.51 19.17
CA GLU E 166 -22.60 9.94 18.67
C GLU E 166 -22.36 10.22 17.19
N LEU E 167 -23.40 10.62 16.47
CA LEU E 167 -23.28 10.92 15.05
C LEU E 167 -22.81 12.36 14.86
N VAL E 168 -22.09 12.64 13.78
CA VAL E 168 -21.62 14.01 13.55
C VAL E 168 -22.12 14.59 12.24
N SER E 169 -22.01 15.91 12.13
CA SER E 169 -22.42 16.60 10.91
C SER E 169 -21.42 17.71 10.65
N PHE E 170 -20.73 17.60 9.52
CA PHE E 170 -19.74 18.60 9.14
C PHE E 170 -19.58 18.48 7.64
N THR E 171 -18.97 19.48 7.03
CA THR E 171 -18.76 19.43 5.59
C THR E 171 -17.29 19.15 5.34
N SER E 172 -16.99 18.06 4.65
CA SER E 172 -15.60 17.73 4.40
C SER E 172 -15.04 18.79 3.46
N ASN E 173 -13.75 19.08 3.61
CA ASN E 173 -13.09 20.04 2.76
C ASN E 173 -13.18 19.56 1.32
N SER E 174 -13.03 18.24 1.15
CA SER E 174 -13.06 17.60 -0.16
C SER E 174 -14.43 17.58 -0.84
N GLU E 175 -15.47 18.02 -0.14
CA GLU E 175 -16.81 18.02 -0.68
C GLU E 175 -16.97 18.80 -1.98
N LYS E 176 -16.36 19.98 -2.07
CA LYS E 176 -16.44 20.81 -3.27
C LYS E 176 -16.00 20.04 -4.51
N TRP E 177 -15.01 19.17 -4.32
CA TRP E 177 -14.47 18.39 -5.42
C TRP E 177 -15.03 16.99 -5.58
N ILE E 178 -15.78 16.52 -4.59
CA ILE E 178 -16.33 15.19 -4.70
C ILE E 178 -17.71 15.25 -5.34
N TYR E 179 -18.43 16.33 -5.09
CA TYR E 179 -19.78 16.46 -5.63
C TYR E 179 -20.07 17.60 -6.59
N GLY E 180 -19.50 18.77 -6.31
CA GLY E 180 -19.70 19.95 -7.14
C GLY E 180 -21.01 20.06 -7.91
N ALA F 30 1.23 -4.95 32.26
CA ALA F 30 2.37 -4.46 31.40
C ALA F 30 1.90 -4.28 29.95
N GLU F 31 1.14 -5.27 29.48
CA GLU F 31 0.58 -5.29 28.13
C GLU F 31 -0.85 -4.77 28.15
N LEU F 32 -1.22 -4.12 29.25
CA LEU F 32 -2.54 -3.53 29.41
C LEU F 32 -2.40 -2.02 29.44
N GLU F 33 -1.19 -1.53 29.14
CA GLU F 33 -0.94 -0.10 29.10
C GLU F 33 -1.78 0.51 27.99
N ARG F 34 -2.37 1.67 28.26
CA ARG F 34 -3.21 2.32 27.27
C ARG F 34 -2.77 3.75 27.09
N THR F 35 -2.99 4.28 25.90
CA THR F 35 -2.62 5.65 25.61
C THR F 35 -3.78 6.24 24.84
N PHE F 36 -3.82 7.57 24.77
CA PHE F 36 -4.89 8.26 24.05
C PHE F 36 -4.36 8.82 22.75
N ILE F 37 -5.02 8.49 21.66
CA ILE F 37 -4.59 9.00 20.37
C ILE F 37 -5.77 9.66 19.70
N ALA F 38 -5.56 10.87 19.21
CA ALA F 38 -6.63 11.59 18.55
C ALA F 38 -6.18 12.16 17.23
N ILE F 39 -7.02 11.98 16.22
CA ILE F 39 -6.71 12.53 14.91
C ILE F 39 -7.38 13.91 14.90
N LYS F 40 -6.55 14.95 14.81
CA LYS F 40 -7.05 16.32 14.80
C LYS F 40 -7.85 16.63 13.53
N PRO F 41 -8.73 17.65 13.59
CA PRO F 41 -9.57 18.06 12.47
C PRO F 41 -8.86 18.12 11.13
N ASP F 42 -7.63 18.64 11.12
CA ASP F 42 -6.87 18.72 9.89
C ASP F 42 -6.55 17.32 9.40
N GLY F 43 -6.32 16.40 10.33
CA GLY F 43 -6.04 15.02 9.96
C GLY F 43 -7.27 14.41 9.31
N VAL F 44 -8.40 14.50 9.99
CA VAL F 44 -9.65 13.95 9.47
C VAL F 44 -10.02 14.59 8.15
N GLN F 45 -9.93 15.91 8.10
CA GLN F 45 -10.28 16.64 6.91
C GLN F 45 -9.43 16.23 5.72
N ARG F 46 -8.21 15.77 6.00
CA ARG F 46 -7.32 15.35 4.93
C ARG F 46 -7.37 13.83 4.70
N GLY F 47 -8.46 13.21 5.14
CA GLY F 47 -8.65 11.78 4.97
C GLY F 47 -7.51 10.84 5.33
N LEU F 48 -6.92 11.04 6.50
CA LEU F 48 -5.80 10.22 6.95
C LEU F 48 -6.24 9.19 8.01
N ILE F 49 -7.55 8.98 8.13
CA ILE F 49 -8.02 8.06 9.14
C ILE F 49 -7.48 6.65 8.96
N SER F 50 -7.68 6.08 7.78
CA SER F 50 -7.19 4.73 7.55
C SER F 50 -5.68 4.67 7.76
N GLU F 51 -4.95 5.55 7.07
CA GLU F 51 -3.50 5.59 7.17
C GLU F 51 -2.98 5.62 8.61
N ILE F 52 -3.48 6.54 9.41
CA ILE F 52 -3.03 6.64 10.78
C ILE F 52 -3.36 5.34 11.54
N ILE F 53 -4.62 4.94 11.52
CA ILE F 53 -5.00 3.75 12.25
C ILE F 53 -4.14 2.56 11.87
N SER F 54 -3.74 2.47 10.60
CA SER F 54 -2.94 1.32 10.19
C SER F 54 -1.60 1.28 10.88
N ARG F 55 -0.97 2.43 11.02
CA ARG F 55 0.34 2.48 11.68
C ARG F 55 0.24 1.81 13.05
N PHE F 56 -0.88 2.02 13.74
CA PHE F 56 -1.08 1.43 15.06
C PHE F 56 -1.54 -0.03 15.00
N GLU F 57 -2.58 -0.29 14.22
CA GLU F 57 -3.11 -1.65 14.10
C GLU F 57 -2.03 -2.67 13.71
N ARG F 58 -1.31 -2.41 12.62
CA ARG F 58 -0.30 -3.33 12.12
C ARG F 58 0.89 -3.57 13.05
N LYS F 59 1.09 -2.68 14.00
CA LYS F 59 2.20 -2.80 14.95
C LYS F 59 1.91 -3.94 15.93
N GLY F 60 0.63 -4.09 16.30
CA GLY F 60 0.24 -5.11 17.25
C GLY F 60 -0.64 -4.56 18.37
N PHE F 61 -0.70 -3.24 18.50
CA PHE F 61 -1.53 -2.62 19.55
C PHE F 61 -3.00 -2.84 19.23
N LYS F 62 -3.88 -2.79 20.23
CA LYS F 62 -5.29 -3.01 19.92
C LYS F 62 -6.21 -1.83 20.23
N LEU F 63 -7.12 -1.59 19.30
CA LEU F 63 -8.08 -0.51 19.41
C LEU F 63 -9.12 -0.91 20.44
N VAL F 64 -9.09 -0.27 21.61
CA VAL F 64 -10.04 -0.60 22.66
C VAL F 64 -11.08 0.50 22.87
N GLY F 65 -10.91 1.61 22.16
CA GLY F 65 -11.84 2.71 22.28
C GLY F 65 -11.76 3.67 21.10
N ILE F 66 -12.90 3.98 20.50
CA ILE F 66 -12.89 4.89 19.36
C ILE F 66 -14.24 5.56 19.17
N LYS F 67 -14.20 6.82 18.75
CA LYS F 67 -15.42 7.59 18.50
C LYS F 67 -15.07 8.79 17.64
N VAL F 68 -16.08 9.40 17.03
CA VAL F 68 -15.86 10.60 16.24
C VAL F 68 -16.70 11.66 16.93
N LEU F 69 -16.20 12.88 17.02
CA LEU F 69 -16.94 13.95 17.68
C LEU F 69 -16.37 15.31 17.32
N ILE F 70 -17.20 16.34 17.49
CA ILE F 70 -16.75 17.70 17.22
C ILE F 70 -16.65 18.39 18.57
N PRO F 71 -15.43 18.44 19.15
CA PRO F 71 -15.19 19.06 20.44
C PRO F 71 -15.76 20.46 20.54
N THR F 72 -16.37 20.75 21.70
CA THR F 72 -16.92 22.07 21.94
C THR F 72 -15.71 22.96 22.28
N LYS F 73 -15.80 24.25 21.98
CA LYS F 73 -14.72 25.17 22.29
C LYS F 73 -14.24 24.98 23.73
N GLN F 74 -15.20 24.76 24.64
CA GLN F 74 -14.90 24.54 26.05
C GLN F 74 -14.16 23.24 26.27
N PHE F 75 -14.73 22.13 25.79
CA PHE F 75 -14.11 20.83 25.93
C PHE F 75 -12.63 20.91 25.52
N ALA F 76 -12.39 21.58 24.40
CA ALA F 76 -11.04 21.74 23.90
C ALA F 76 -10.12 22.32 24.97
N GLN F 77 -10.67 23.21 25.77
CA GLN F 77 -9.90 23.88 26.83
C GLN F 77 -9.52 23.02 28.02
N GLN F 78 -10.35 22.03 28.37
CA GLN F 78 -9.99 21.19 29.50
C GLN F 78 -9.10 20.03 29.04
N HIS F 79 -8.81 20.00 27.74
CA HIS F 79 -7.92 18.98 27.18
C HIS F 79 -6.53 19.61 27.17
N TYR F 80 -6.48 20.83 26.62
CA TYR F 80 -5.24 21.59 26.53
C TYR F 80 -5.07 22.45 27.79
N HIS F 81 -5.69 22.02 28.89
CA HIS F 81 -5.63 22.78 30.14
C HIS F 81 -4.23 23.07 30.68
N ASP F 82 -3.31 22.12 30.56
CA ASP F 82 -1.94 22.35 31.05
C ASP F 82 -1.25 23.46 30.26
N LEU F 83 -1.93 23.96 29.23
CA LEU F 83 -1.37 25.01 28.38
C LEU F 83 -2.19 26.29 28.44
N LYS F 84 -3.15 26.36 29.36
CA LYS F 84 -4.00 27.53 29.49
C LYS F 84 -3.17 28.79 29.79
N GLU F 85 -1.90 28.58 30.12
CA GLU F 85 -0.98 29.67 30.43
C GLU F 85 -0.35 30.26 29.18
N ARG F 86 -0.12 29.42 28.18
CA ARG F 86 0.52 29.83 26.93
C ARG F 86 -0.29 30.80 26.09
N PRO F 87 0.37 31.49 25.13
CA PRO F 87 -0.24 32.47 24.22
C PRO F 87 -0.86 31.84 22.97
N PHE F 88 -1.00 30.51 22.97
CA PHE F 88 -1.59 29.81 21.84
C PHE F 88 -2.69 28.87 22.31
N PHE F 89 -2.88 28.82 23.63
CA PHE F 89 -3.90 27.97 24.25
C PHE F 89 -5.25 28.22 23.58
N ASN F 90 -5.58 29.49 23.44
CA ASN F 90 -6.83 29.89 22.82
C ASN F 90 -6.87 29.44 21.36
N GLY F 91 -5.77 29.71 20.63
CA GLY F 91 -5.69 29.33 19.24
C GLY F 91 -5.90 27.83 19.10
N LEU F 92 -5.20 27.07 19.94
CA LEU F 92 -5.30 25.62 19.96
C LEU F 92 -6.73 25.16 20.16
N CYS F 93 -7.36 25.69 21.21
CA CYS F 93 -8.73 25.32 21.53
C CYS F 93 -9.75 25.58 20.43
N ASP F 94 -9.59 26.69 19.70
CA ASP F 94 -10.51 26.98 18.62
C ASP F 94 -10.38 25.93 17.54
N PHE F 95 -9.13 25.62 17.20
CA PHE F 95 -8.80 24.64 16.16
C PHE F 95 -9.30 23.23 16.50
N LEU F 96 -9.02 22.76 17.72
CA LEU F 96 -9.44 21.43 18.12
C LEU F 96 -10.96 21.28 18.13
N SER F 97 -11.65 22.35 17.74
CA SER F 97 -13.11 22.32 17.70
C SER F 97 -13.65 22.85 16.38
N SER F 98 -12.74 23.12 15.44
CA SER F 98 -13.11 23.63 14.12
C SER F 98 -13.64 22.53 13.19
N GLY F 99 -13.63 21.28 13.67
CA GLY F 99 -14.11 20.18 12.85
C GLY F 99 -14.14 18.85 13.58
N PRO F 100 -14.49 17.77 12.89
CA PRO F 100 -14.56 16.43 13.51
C PRO F 100 -13.20 15.94 14.01
N VAL F 101 -13.24 15.05 14.98
CA VAL F 101 -12.03 14.49 15.57
C VAL F 101 -12.20 13.01 15.80
N ILE F 102 -11.18 12.21 15.47
CA ILE F 102 -11.26 10.79 15.72
C ILE F 102 -10.49 10.55 17.01
N ALA F 103 -11.23 10.25 18.08
CA ALA F 103 -10.62 10.01 19.38
C ALA F 103 -10.42 8.52 19.51
N MET F 104 -9.27 8.12 20.06
CA MET F 104 -8.98 6.69 20.21
C MET F 104 -8.19 6.31 21.45
N VAL F 105 -8.31 5.04 21.82
CA VAL F 105 -7.58 4.50 22.95
C VAL F 105 -6.93 3.21 22.49
N TRP F 106 -5.60 3.18 22.53
CA TRP F 106 -4.85 2.00 22.11
C TRP F 106 -4.17 1.31 23.28
N GLU F 107 -4.21 -0.01 23.26
CA GLU F 107 -3.63 -0.81 24.32
C GLU F 107 -2.51 -1.71 23.84
N GLY F 108 -1.47 -1.81 24.65
CA GLY F 108 -0.35 -2.65 24.29
C GLY F 108 0.85 -2.23 25.12
N GLU F 109 1.82 -3.12 25.25
CA GLU F 109 3.00 -2.81 26.03
C GLU F 109 3.83 -1.67 25.47
N GLY F 110 4.06 -0.66 26.31
CA GLY F 110 4.87 0.48 25.89
C GLY F 110 4.18 1.33 24.84
N VAL F 111 2.88 1.11 24.68
CA VAL F 111 2.12 1.84 23.68
C VAL F 111 2.21 3.36 23.83
N ILE F 112 2.16 3.86 25.06
CA ILE F 112 2.25 5.30 25.27
C ILE F 112 3.53 5.84 24.67
N THR F 113 4.64 5.20 25.00
CA THR F 113 5.91 5.65 24.48
C THR F 113 6.06 5.41 22.97
N TYR F 114 5.77 4.21 22.51
CA TYR F 114 5.92 3.96 21.08
C TYR F 114 4.91 4.77 20.30
N GLY F 115 3.75 5.03 20.91
CA GLY F 115 2.75 5.82 20.24
C GLY F 115 3.36 7.15 19.84
N ARG F 116 4.20 7.69 20.72
CA ARG F 116 4.83 8.96 20.41
C ARG F 116 5.89 8.80 19.33
N LYS F 117 6.66 7.72 19.37
CA LYS F 117 7.68 7.48 18.35
C LYS F 117 7.00 7.41 16.99
N LEU F 118 5.83 6.77 16.96
CA LEU F 118 5.05 6.61 15.75
C LEU F 118 4.63 7.97 15.24
N ILE F 119 4.18 8.83 16.14
CA ILE F 119 3.75 10.15 15.76
C ILE F 119 4.88 11.05 15.27
N GLY F 120 6.03 10.95 15.92
CA GLY F 120 7.18 11.76 15.53
C GLY F 120 7.20 13.10 16.25
N ALA F 121 8.24 13.89 15.95
CA ALA F 121 8.42 15.21 16.55
C ALA F 121 7.17 16.07 16.51
N THR F 122 7.07 17.02 17.42
CA THR F 122 5.91 17.90 17.45
C THR F 122 5.84 18.65 16.13
N ASP F 123 7.00 19.05 15.66
CA ASP F 123 7.13 19.79 14.40
C ASP F 123 7.38 18.82 13.25
N PRO F 124 6.43 18.73 12.30
CA PRO F 124 6.59 17.83 11.16
C PRO F 124 7.97 17.99 10.50
N GLN F 125 8.35 19.25 10.27
CA GLN F 125 9.64 19.59 9.66
C GLN F 125 10.80 18.87 10.31
N LYS F 126 10.63 18.53 11.58
CA LYS F 126 11.69 17.87 12.33
C LYS F 126 11.45 16.40 12.60
N SER F 127 10.39 15.86 12.01
CA SER F 127 10.08 14.45 12.19
C SER F 127 10.75 13.63 11.11
N ALA F 128 11.08 12.39 11.43
CA ALA F 128 11.75 11.51 10.50
C ALA F 128 10.81 10.79 9.54
N PRO F 129 11.24 10.64 8.28
CA PRO F 129 10.37 9.93 7.34
C PRO F 129 10.12 8.58 7.99
N GLY F 130 8.85 8.17 8.01
CA GLY F 130 8.51 6.92 8.65
C GLY F 130 7.53 7.18 9.78
N THR F 131 7.55 8.41 10.27
CA THR F 131 6.65 8.79 11.35
C THR F 131 5.41 9.43 10.73
N ILE F 132 4.30 9.34 11.44
CA ILE F 132 3.04 9.91 10.95
C ILE F 132 3.14 11.37 10.55
N ARG F 133 3.72 12.21 11.41
CA ARG F 133 3.83 13.63 11.07
C ARG F 133 4.89 13.90 10.00
N GLY F 134 5.98 13.14 10.05
CA GLY F 134 7.02 13.30 9.06
C GLY F 134 6.53 12.95 7.66
N ASP F 135 5.57 12.02 7.57
CA ASP F 135 5.04 11.60 6.27
C ASP F 135 3.81 12.36 5.80
N LEU F 136 2.89 12.66 6.71
CA LEU F 136 1.63 13.29 6.34
C LEU F 136 1.36 14.75 6.71
N ALA F 137 2.30 15.41 7.38
CA ALA F 137 2.07 16.80 7.75
C ALA F 137 3.26 17.68 7.37
N VAL F 138 3.05 18.99 7.35
CA VAL F 138 4.11 19.91 6.98
C VAL F 138 4.56 20.88 8.07
N VAL F 139 3.61 21.51 8.74
CA VAL F 139 3.94 22.49 9.77
C VAL F 139 3.36 22.18 11.14
N VAL F 140 3.96 22.80 12.17
CA VAL F 140 3.54 22.59 13.54
C VAL F 140 2.09 22.91 13.80
N GLY F 141 1.64 24.02 13.23
CA GLY F 141 0.25 24.44 13.41
C GLY F 141 -0.79 23.43 12.94
N ARG F 142 -0.37 22.55 12.04
CA ARG F 142 -1.26 21.54 11.49
C ARG F 142 -0.57 20.18 11.52
N ASN F 143 -0.23 19.73 12.73
CA ASN F 143 0.44 18.45 12.87
C ASN F 143 -0.49 17.26 13.02
N ILE F 144 -1.64 17.37 12.36
CA ILE F 144 -2.67 16.33 12.24
C ILE F 144 -3.04 15.32 13.34
N ILE F 145 -2.22 15.18 14.38
CA ILE F 145 -2.54 14.16 15.37
C ILE F 145 -2.06 14.50 16.77
N HIS F 146 -2.58 13.78 17.76
CA HIS F 146 -2.17 13.98 19.14
C HIS F 146 -2.07 12.63 19.85
N GLY F 147 -1.07 12.51 20.72
CA GLY F 147 -0.88 11.28 21.46
C GLY F 147 -0.42 11.61 22.88
N SER F 148 -1.01 10.94 23.86
CA SER F 148 -0.63 11.18 25.25
C SER F 148 0.89 11.12 25.37
N ASP F 149 1.46 12.03 26.14
CA ASP F 149 2.92 12.07 26.30
C ASP F 149 3.46 11.35 27.54
N GLY F 150 2.57 10.80 28.35
CA GLY F 150 3.02 10.11 29.54
C GLY F 150 1.94 9.28 30.20
N PRO F 151 2.32 8.40 31.14
CA PRO F 151 1.41 7.52 31.87
C PRO F 151 0.27 8.26 32.54
N GLU F 152 0.58 9.43 33.10
CA GLU F 152 -0.41 10.25 33.80
C GLU F 152 -1.36 10.95 32.84
N THR F 153 -0.79 11.79 31.97
CA THR F 153 -1.59 12.50 30.99
C THR F 153 -2.46 11.49 30.22
N ALA F 154 -1.94 10.28 30.07
CA ALA F 154 -2.68 9.23 29.37
C ALA F 154 -3.93 8.95 30.17
N LYS F 155 -3.73 8.51 31.41
CA LYS F 155 -4.82 8.19 32.31
C LYS F 155 -5.90 9.26 32.32
N ASP F 156 -5.48 10.52 32.44
CA ASP F 156 -6.43 11.61 32.47
C ASP F 156 -7.11 11.73 31.13
N GLU F 157 -6.31 11.89 30.08
CA GLU F 157 -6.84 12.03 28.73
C GLU F 157 -7.86 10.94 28.38
N ILE F 158 -7.56 9.70 28.72
CA ILE F 158 -8.52 8.66 28.43
C ILE F 158 -9.81 8.93 29.18
N LYS F 159 -9.73 9.26 30.46
CA LYS F 159 -10.93 9.53 31.25
C LYS F 159 -11.68 10.77 30.78
N LEU F 160 -10.95 11.73 30.22
CA LEU F 160 -11.57 12.95 29.75
C LEU F 160 -12.35 12.76 28.44
N TRP F 161 -11.94 11.79 27.62
CA TRP F 161 -12.61 11.57 26.34
C TRP F 161 -13.51 10.35 26.25
N PHE F 162 -13.37 9.40 27.17
CA PHE F 162 -14.22 8.21 27.09
C PHE F 162 -14.90 7.81 28.37
N LYS F 163 -16.16 7.41 28.25
CA LYS F 163 -16.91 6.94 29.39
C LYS F 163 -16.42 5.49 29.48
N PRO F 164 -16.25 4.96 30.70
CA PRO F 164 -15.78 3.57 30.80
C PRO F 164 -16.54 2.51 29.99
N GLU F 165 -17.79 2.79 29.62
CA GLU F 165 -18.54 1.81 28.82
C GLU F 165 -18.01 1.78 27.41
N GLU F 166 -17.66 2.96 26.90
CA GLU F 166 -17.15 3.09 25.55
C GLU F 166 -15.89 2.25 25.30
N LEU F 167 -15.16 1.92 26.36
CA LEU F 167 -13.95 1.11 26.20
C LEU F 167 -14.29 -0.38 26.25
N VAL F 168 -13.50 -1.21 25.57
CA VAL F 168 -13.75 -2.65 25.55
C VAL F 168 -12.58 -3.45 26.11
N SER F 169 -12.87 -4.66 26.54
CA SER F 169 -11.86 -5.57 27.09
C SER F 169 -12.01 -6.96 26.48
N PHE F 170 -11.00 -7.35 25.71
CA PHE F 170 -10.99 -8.64 25.05
C PHE F 170 -9.53 -8.96 24.78
N THR F 171 -9.20 -10.24 24.64
CA THR F 171 -7.84 -10.61 24.33
C THR F 171 -7.79 -10.97 22.85
N SER F 172 -7.03 -10.19 22.08
CA SER F 172 -6.93 -10.42 20.65
C SER F 172 -6.35 -11.79 20.32
N ASN F 173 -6.83 -12.36 19.23
CA ASN F 173 -6.38 -13.66 18.78
C ASN F 173 -4.87 -13.67 18.59
N SER F 174 -4.33 -12.54 18.15
CA SER F 174 -2.91 -12.40 17.90
C SER F 174 -2.07 -12.11 19.16
N GLU F 175 -2.70 -12.11 20.32
CA GLU F 175 -1.97 -11.83 21.56
C GLU F 175 -0.91 -12.87 21.89
N LYS F 176 -1.27 -14.14 21.70
CA LYS F 176 -0.36 -15.23 21.99
C LYS F 176 0.92 -15.15 21.15
N TRP F 177 0.83 -14.55 19.97
CA TRP F 177 2.01 -14.45 19.11
C TRP F 177 2.70 -13.08 19.19
N ILE F 178 2.05 -12.11 19.80
CA ILE F 178 2.64 -10.79 19.92
C ILE F 178 3.46 -10.73 21.20
N TYR F 179 2.94 -11.38 22.25
CA TYR F 179 3.62 -11.42 23.54
C TYR F 179 3.99 -12.84 23.99
#